data_6EFF
#
_entry.id   6EFF
#
_cell.length_a   39.786
_cell.length_b   48.268
_cell.length_c   99.823
_cell.angle_alpha   101.84
_cell.angle_beta   91.39
_cell.angle_gamma   89.90
#
_symmetry.space_group_name_H-M   'P 1'
#
loop_
_entity.id
_entity.type
_entity.pdbx_description
1 polymer 'NCTC10712 Siglec'
2 non-polymer 'CALCIUM ION'
3 non-polymer GLYCEROL
4 non-polymer 'ACETATE ION'
5 water water
#
_entity_poly.entity_id   1
_entity_poly.type   'polypeptide(L)'
_entity_poly.pdbx_seq_one_letter_code
;GPGSNDTEAPQVKSGDYVVYRGESFEYYAEITDNSGQVNNVVVRNVELDKKTNMPYLTPDWLKYSTDNLGQPGNATVENP
LRTKLYGNVPLDTVVGIYTRYIVATDPANNTTRMIQNPNRDGLERFVLTVKSQNEKYDPADPSVTYVNNLSNLSTSERDA
VAAAVRAANPSLPSAAKITVSQNGTVTITYPDRSTDTIPANRVVKDLQIS
;
_entity_poly.pdbx_strand_id   A,B,C,D
#
# COMPACT_ATOMS: atom_id res chain seq x y z
N ASP A 6 8.01 2.83 -21.29
CA ASP A 6 8.68 3.96 -20.67
C ASP A 6 9.85 3.48 -19.83
N THR A 7 11.05 3.84 -20.27
CA THR A 7 12.27 3.46 -19.57
C THR A 7 13.04 4.67 -19.06
N GLU A 8 12.43 5.85 -19.07
CA GLU A 8 13.11 7.10 -18.74
C GLU A 8 12.58 7.62 -17.41
N ALA A 9 13.49 7.87 -16.48
CA ALA A 9 13.08 8.37 -15.18
C ALA A 9 12.71 9.85 -15.26
N PRO A 10 11.85 10.32 -14.35
CA PRO A 10 11.58 11.76 -14.28
C PRO A 10 12.84 12.56 -14.04
N GLN A 11 12.82 13.81 -14.52
CA GLN A 11 13.93 14.74 -14.37
C GLN A 11 13.52 15.88 -13.45
N VAL A 12 14.50 16.41 -12.71
CA VAL A 12 14.24 17.45 -11.68
C VAL A 12 15.11 18.70 -11.92
N LYS A 13 14.55 19.89 -11.73
CA LYS A 13 15.28 21.18 -11.81
C LYS A 13 15.06 21.86 -10.46
N SER A 14 16.10 22.08 -9.66
CA SER A 14 15.94 22.68 -8.31
C SER A 14 16.77 23.99 -8.24
N GLY A 15 17.77 24.08 -7.38
CA GLY A 15 18.59 25.29 -7.29
C GLY A 15 19.38 25.29 -6.01
N ASP A 16 20.05 26.40 -5.71
CA ASP A 16 20.84 26.57 -4.47
C ASP A 16 19.89 27.27 -3.49
N TYR A 17 19.56 26.64 -2.35
CA TYR A 17 18.57 27.18 -1.39
C TYR A 17 19.25 27.66 -0.11
N VAL A 18 18.96 28.89 0.28
CA VAL A 18 19.46 29.47 1.53
C VAL A 18 18.28 29.67 2.46
N VAL A 19 18.50 29.37 3.74
CA VAL A 19 17.50 29.59 4.79
C VAL A 19 18.22 30.17 6.01
N TYR A 20 17.44 30.72 6.93
CA TYR A 20 17.97 31.46 8.07
C TYR A 20 17.29 31.00 9.35
N ARG A 21 18.09 30.80 10.40
CA ARG A 21 17.53 30.41 11.69
C ARG A 21 16.52 31.46 12.16
N GLY A 22 15.38 30.96 12.67
CA GLY A 22 14.33 31.83 13.16
C GLY A 22 13.40 32.36 12.09
N GLU A 23 13.54 31.89 10.86
CA GLU A 23 12.80 32.42 9.72
C GLU A 23 12.18 31.29 8.93
N SER A 24 11.09 31.60 8.23
CA SER A 24 10.43 30.63 7.38
C SER A 24 11.03 30.67 5.98
N PHE A 25 10.81 29.60 5.22
CA PHE A 25 11.32 29.55 3.85
C PHE A 25 10.37 28.73 2.99
N GLU A 26 10.46 28.98 1.69
CA GLU A 26 9.59 28.33 0.71
C GLU A 26 10.30 28.32 -0.63
N TYR A 27 10.56 27.13 -1.18
CA TYR A 27 11.17 26.99 -2.49
C TYR A 27 10.38 25.97 -3.30
N TYR A 28 10.44 26.09 -4.63
CA TYR A 28 9.73 25.18 -5.53
C TYR A 28 10.71 24.55 -6.51
N ALA A 29 10.73 23.23 -6.55
CA ALA A 29 11.45 22.46 -7.55
C ALA A 29 10.48 22.04 -8.66
N GLU A 30 11.04 21.78 -9.84
CA GLU A 30 10.25 21.49 -11.03
C GLU A 30 10.61 20.11 -11.56
N ILE A 31 9.58 19.29 -11.82
CA ILE A 31 9.78 17.89 -12.18
C ILE A 31 9.02 17.61 -13.47
N THR A 32 9.66 16.86 -14.36
CA THR A 32 9.07 16.48 -15.64
C THR A 32 9.31 14.99 -15.88
N ASP A 33 8.49 14.42 -16.76
CA ASP A 33 8.70 13.06 -17.23
C ASP A 33 8.28 12.97 -18.69
N ASN A 34 8.94 12.08 -19.43
CA ASN A 34 8.62 11.94 -20.85
C ASN A 34 7.18 11.49 -21.06
N SER A 35 6.59 10.78 -20.10
CA SER A 35 5.20 10.38 -20.17
C SER A 35 4.24 11.50 -19.80
N GLY A 36 4.74 12.58 -19.20
CA GLY A 36 3.89 13.66 -18.73
C GLY A 36 3.22 13.43 -17.39
N GLN A 37 3.47 12.30 -16.73
CA GLN A 37 2.82 11.96 -15.47
C GLN A 37 3.84 11.51 -14.44
N VAL A 38 3.72 12.06 -13.23
CA VAL A 38 4.52 11.66 -12.07
C VAL A 38 3.55 11.25 -10.97
N ASN A 39 3.82 10.10 -10.34
CA ASN A 39 2.95 9.56 -9.31
C ASN A 39 3.47 9.80 -7.89
N ASN A 40 4.78 10.02 -7.71
CA ASN A 40 5.31 10.27 -6.39
C ASN A 40 6.55 11.15 -6.51
N VAL A 41 6.76 11.98 -5.50
CA VAL A 41 7.98 12.76 -5.33
C VAL A 41 8.41 12.60 -3.89
N VAL A 42 9.68 12.27 -3.67
CA VAL A 42 10.25 12.10 -2.34
C VAL A 42 11.50 12.97 -2.26
N VAL A 43 11.58 13.78 -1.22
CA VAL A 43 12.81 14.48 -0.87
C VAL A 43 13.45 13.70 0.27
N ARG A 44 14.73 13.37 0.14
CA ARG A 44 15.31 12.40 1.06
C ARG A 44 16.81 12.58 1.17
N ASN A 45 17.34 12.11 2.30
CA ASN A 45 18.76 11.84 2.42
C ASN A 45 19.14 10.69 1.49
N VAL A 46 20.41 10.65 1.10
CA VAL A 46 20.84 9.57 0.21
C VAL A 46 20.88 8.25 0.97
N GLU A 47 21.30 8.27 2.24
CA GLU A 47 21.41 7.06 3.02
C GLU A 47 20.08 6.74 3.72
N LEU A 48 19.88 5.46 4.01
CA LEU A 48 18.68 5.01 4.68
C LEU A 48 18.79 5.27 6.19
N ASP A 49 17.63 5.41 6.83
CA ASP A 49 17.54 5.62 8.30
C ASP A 49 18.10 4.35 8.96
N LYS A 50 19.24 4.40 9.64
CA LYS A 50 19.89 3.23 10.29
C LYS A 50 19.06 2.77 11.51
N LYS A 51 17.94 2.10 11.24
CA LYS A 51 16.89 1.64 12.21
C LYS A 51 15.69 1.06 11.47
N THR A 52 15.06 1.86 10.58
CA THR A 52 13.83 1.48 9.82
C THR A 52 14.15 0.90 8.43
N ASN A 53 15.39 1.05 7.94
CA ASN A 53 15.82 0.55 6.60
C ASN A 53 14.91 1.14 5.53
N MET A 54 14.57 2.43 5.66
CA MET A 54 13.69 3.16 4.77
C MET A 54 14.25 4.56 4.55
N PRO A 55 13.88 5.20 3.45
CA PRO A 55 14.34 6.58 3.23
C PRO A 55 13.78 7.53 4.27
N TYR A 56 14.54 8.59 4.55
CA TYR A 56 14.12 9.60 5.51
C TYR A 56 14.72 10.93 5.07
N LEU A 57 14.31 11.99 5.75
CA LEU A 57 14.78 13.33 5.41
C LEU A 57 15.12 14.07 6.69
N THR A 58 16.37 14.53 6.78
CA THR A 58 16.75 15.45 7.84
C THR A 58 17.31 16.72 7.20
N PRO A 59 17.24 17.87 7.91
CA PRO A 59 16.68 18.07 9.25
C PRO A 59 15.18 17.82 9.33
N ASP A 60 14.69 17.49 10.53
CA ASP A 60 13.28 17.18 10.68
C ASP A 60 12.40 18.39 10.42
N TRP A 61 12.96 19.60 10.46
CA TRP A 61 12.19 20.80 10.16
C TRP A 61 12.10 21.11 8.67
N LEU A 62 12.80 20.35 7.83
CA LEU A 62 12.69 20.49 6.38
C LEU A 62 11.52 19.66 5.88
N LYS A 63 10.50 20.32 5.36
CA LYS A 63 9.27 19.68 4.92
C LYS A 63 9.11 19.81 3.42
N TYR A 64 8.25 18.98 2.85
CA TYR A 64 7.94 19.09 1.43
C TYR A 64 6.53 18.60 1.16
N SER A 65 5.95 19.10 0.07
CA SER A 65 4.62 18.70 -0.38
C SER A 65 4.53 18.93 -1.88
N THR A 66 3.74 18.08 -2.54
CA THR A 66 3.52 18.15 -3.98
C THR A 66 2.04 17.99 -4.27
N ASP A 67 1.43 19.00 -4.89
CA ASP A 67 0.04 18.92 -5.30
C ASP A 67 -0.11 18.17 -6.63
N ASN A 68 -1.26 17.53 -6.80
N ASN A 68 -1.26 17.52 -6.79
CA ASN A 68 -1.67 16.95 -8.08
CA ASN A 68 -1.67 16.96 -8.07
C ASN A 68 -0.81 15.75 -8.47
C ASN A 68 -0.81 15.75 -8.47
N LEU A 69 -0.43 14.94 -7.48
CA LEU A 69 0.29 13.71 -7.78
C LEU A 69 -0.63 12.69 -8.43
N GLY A 70 -0.07 11.92 -9.37
CA GLY A 70 -0.77 10.78 -9.94
C GLY A 70 -1.82 11.12 -10.97
N GLN A 71 -1.71 12.25 -11.64
CA GLN A 71 -2.69 12.67 -12.63
C GLN A 71 -2.05 12.84 -14.00
N PRO A 72 -2.72 12.39 -15.07
CA PRO A 72 -2.12 12.53 -16.41
C PRO A 72 -1.81 13.99 -16.72
N GLY A 73 -0.69 14.20 -17.39
CA GLY A 73 -0.31 15.54 -17.81
C GLY A 73 0.11 16.46 -16.68
N ASN A 74 0.42 15.92 -15.51
CA ASN A 74 0.80 16.76 -14.37
C ASN A 74 2.29 17.10 -14.35
N ALA A 75 3.09 16.54 -15.25
CA ALA A 75 4.54 16.72 -15.20
C ALA A 75 5.11 16.73 -16.62
N THR A 76 4.60 17.62 -17.46
CA THR A 76 5.13 17.79 -18.81
C THR A 76 6.24 18.84 -18.81
N VAL A 77 7.12 18.74 -19.82
CA VAL A 77 8.17 19.74 -19.96
C VAL A 77 7.57 21.13 -20.12
N GLU A 78 6.40 21.20 -20.75
CA GLU A 78 5.68 22.48 -20.99
C GLU A 78 5.14 23.02 -19.66
N ASN A 79 4.57 22.15 -18.83
CA ASN A 79 3.98 22.52 -17.52
C ASN A 79 4.49 21.55 -16.46
N PRO A 80 5.73 21.70 -15.93
CA PRO A 80 6.24 20.77 -14.94
C PRO A 80 5.48 20.70 -13.61
N LEU A 81 5.63 19.57 -12.93
CA LEU A 81 5.11 19.38 -11.59
C LEU A 81 5.96 20.18 -10.61
N ARG A 82 5.31 20.81 -9.64
CA ARG A 82 5.98 21.66 -8.67
C ARG A 82 5.97 20.97 -7.30
N THR A 83 7.16 20.78 -6.73
CA THR A 83 7.30 20.28 -5.37
C THR A 83 7.77 21.42 -4.49
N LYS A 84 7.05 21.66 -3.39
CA LYS A 84 7.37 22.73 -2.47
C LYS A 84 8.27 22.20 -1.36
N LEU A 85 9.37 22.90 -1.12
CA LEU A 85 10.24 22.65 0.03
C LEU A 85 10.11 23.82 0.98
N TYR A 86 9.78 23.54 2.24
CA TYR A 86 9.41 24.61 3.15
C TYR A 86 9.69 24.22 4.60
N GLY A 87 9.59 25.22 5.47
CA GLY A 87 9.68 24.98 6.89
C GLY A 87 9.93 26.27 7.64
N ASN A 88 10.08 26.14 8.95
CA ASN A 88 10.53 27.21 9.82
C ASN A 88 11.81 26.74 10.50
N VAL A 89 12.89 27.48 10.28
CA VAL A 89 14.19 27.05 10.78
C VAL A 89 14.24 27.32 12.29
N PRO A 90 14.48 26.30 13.12
CA PRO A 90 14.57 26.55 14.57
C PRO A 90 15.69 27.50 14.92
N LEU A 91 15.50 28.23 16.01
CA LEU A 91 16.54 29.13 16.50
C LEU A 91 17.78 28.39 16.95
N ASP A 92 17.62 27.15 17.40
CA ASP A 92 18.67 26.41 18.09
C ASP A 92 19.41 25.43 17.19
N THR A 93 18.96 25.23 15.95
CA THR A 93 19.65 24.31 15.07
C THR A 93 21.03 24.86 14.73
N VAL A 94 21.91 23.97 14.25
CA VAL A 94 23.24 24.40 13.87
C VAL A 94 23.19 25.10 12.51
N VAL A 95 24.21 25.88 12.22
CA VAL A 95 24.39 26.46 10.90
C VAL A 95 25.35 25.56 10.13
N GLY A 96 25.10 25.43 8.83
CA GLY A 96 25.83 24.47 8.03
C GLY A 96 25.08 24.19 6.74
N ILE A 97 25.60 23.21 6.01
CA ILE A 97 25.11 22.85 4.69
C ILE A 97 24.52 21.45 4.76
N TYR A 98 23.46 21.23 3.98
CA TYR A 98 22.84 19.92 3.80
C TYR A 98 22.69 19.66 2.31
N THR A 99 23.06 18.47 1.86
CA THR A 99 22.92 18.08 0.47
C THR A 99 21.92 16.95 0.40
N ARG A 100 20.83 17.16 -0.33
CA ARG A 100 19.70 16.25 -0.33
C ARG A 100 19.24 16.04 -1.77
N TYR A 101 18.28 15.12 -1.92
CA TYR A 101 17.88 14.65 -3.24
C TYR A 101 16.37 14.67 -3.39
N ILE A 102 15.92 15.00 -4.59
CA ILE A 102 14.52 14.98 -4.98
C ILE A 102 14.38 13.89 -6.02
N VAL A 103 13.59 12.86 -5.72
CA VAL A 103 13.45 11.72 -6.61
C VAL A 103 11.98 11.50 -6.88
N ALA A 104 11.62 11.43 -8.17
CA ALA A 104 10.24 11.28 -8.60
C ALA A 104 10.07 9.95 -9.33
N THR A 105 8.84 9.45 -9.31
CA THR A 105 8.49 8.15 -9.87
C THR A 105 7.36 8.31 -10.87
N ASP A 106 7.51 7.71 -12.06
CA ASP A 106 6.51 7.78 -13.12
C ASP A 106 5.61 6.54 -13.06
N PRO A 107 4.58 6.46 -13.89
CA PRO A 107 3.67 5.29 -13.81
C PRO A 107 4.36 3.96 -14.06
N ALA A 108 5.45 3.92 -14.83
CA ALA A 108 6.19 2.69 -15.06
C ALA A 108 7.12 2.32 -13.90
N ASN A 109 7.09 3.10 -12.82
CA ASN A 109 7.93 2.85 -11.64
C ASN A 109 9.42 3.08 -11.93
N ASN A 110 9.72 3.94 -12.90
CA ASN A 110 11.05 4.51 -13.03
C ASN A 110 11.20 5.65 -12.04
N THR A 111 12.26 5.63 -11.25
CA THR A 111 12.52 6.67 -10.25
C THR A 111 13.85 7.34 -10.52
N THR A 112 13.88 8.65 -10.33
CA THR A 112 15.10 9.42 -10.51
C THR A 112 16.24 8.83 -9.69
N ARG A 113 17.40 8.70 -10.32
CA ARG A 113 18.56 8.15 -9.63
C ARG A 113 19.27 9.23 -8.82
N MET A 114 19.75 8.84 -7.64
CA MET A 114 20.56 9.73 -6.81
C MET A 114 22.03 9.52 -7.17
N ILE A 115 22.69 10.60 -7.59
CA ILE A 115 24.08 10.57 -8.00
C ILE A 115 24.83 11.59 -7.16
N GLN A 116 25.79 11.11 -6.38
CA GLN A 116 26.51 11.95 -5.41
C GLN A 116 27.67 12.63 -6.13
N ASN A 117 27.35 13.70 -6.86
CA ASN A 117 28.33 14.44 -7.63
C ASN A 117 27.86 15.88 -7.68
N PRO A 118 28.72 16.86 -7.38
CA PRO A 118 28.30 18.27 -7.48
C PRO A 118 27.83 18.68 -8.87
N ASN A 119 28.14 17.90 -9.91
CA ASN A 119 27.63 18.29 -11.22
C ASN A 119 26.13 18.06 -11.35
N ARG A 120 25.50 17.47 -10.36
CA ARG A 120 24.05 17.34 -10.32
C ARG A 120 23.39 18.43 -9.48
N ASP A 121 24.18 19.32 -8.86
CA ASP A 121 23.60 20.39 -8.06
C ASP A 121 22.68 21.26 -8.91
N GLY A 122 21.53 21.62 -8.36
CA GLY A 122 20.52 22.37 -9.08
C GLY A 122 19.60 21.52 -9.91
N LEU A 123 19.85 20.21 -10.01
CA LEU A 123 18.97 19.28 -10.69
C LEU A 123 18.25 18.45 -9.64
N GLU A 124 18.40 17.13 -9.65
CA GLU A 124 17.77 16.32 -8.61
C GLU A 124 18.51 16.41 -7.28
N ARG A 125 19.74 16.90 -7.28
CA ARG A 125 20.52 17.11 -6.06
C ARG A 125 20.55 18.60 -5.76
N PHE A 126 20.36 18.95 -4.49
CA PHE A 126 20.39 20.36 -4.11
C PHE A 126 21.14 20.55 -2.81
N VAL A 127 21.68 21.74 -2.64
CA VAL A 127 22.44 22.15 -1.46
C VAL A 127 21.59 23.15 -0.71
N LEU A 128 21.28 22.83 0.55
CA LEU A 128 20.54 23.72 1.45
C LEU A 128 21.53 24.32 2.43
N THR A 129 21.69 25.63 2.38
CA THR A 129 22.59 26.35 3.28
C THR A 129 21.77 26.99 4.40
N VAL A 130 22.12 26.67 5.64
CA VAL A 130 21.47 27.25 6.81
C VAL A 130 22.41 28.30 7.39
N LYS A 131 22.00 29.55 7.34
CA LYS A 131 22.79 30.65 7.86
C LYS A 131 22.21 31.16 9.17
N SER A 132 23.03 31.87 9.93
CA SER A 132 22.56 32.50 11.15
C SER A 132 21.62 33.65 10.79
N GLN A 133 20.76 33.99 11.76
CA GLN A 133 19.69 34.95 11.52
C GLN A 133 20.25 36.33 11.17
N ASN A 134 21.41 36.69 11.73
CA ASN A 134 21.99 38.01 11.44
C ASN A 134 22.24 38.21 9.96
N GLU A 135 22.44 37.12 9.20
CA GLU A 135 22.76 37.26 7.78
C GLU A 135 21.57 37.68 6.94
N LYS A 136 20.35 37.59 7.49
CA LYS A 136 19.18 38.05 6.77
C LYS A 136 18.99 39.56 6.87
N TYR A 137 19.61 40.21 7.85
CA TYR A 137 19.32 41.61 8.15
C TYR A 137 20.58 42.46 8.00
N ASP A 138 20.37 43.72 7.62
CA ASP A 138 21.45 44.70 7.46
C ASP A 138 21.04 45.95 8.23
N PRO A 139 21.38 46.02 9.52
CA PRO A 139 20.91 47.14 10.34
C PRO A 139 21.31 48.50 9.78
N ALA A 140 20.39 49.45 9.86
CA ALA A 140 20.61 50.81 9.43
C ALA A 140 21.05 51.68 10.61
N ASP A 141 21.85 52.70 10.31
CA ASP A 141 22.32 53.62 11.34
C ASP A 141 21.14 54.36 11.96
N PRO A 142 21.14 54.60 13.27
CA PRO A 142 20.09 55.38 13.90
C PRO A 142 20.37 56.88 13.82
N SER A 143 19.35 57.66 14.13
CA SER A 143 19.56 59.07 14.40
CA SER A 143 19.54 59.08 14.40
C SER A 143 20.44 59.20 15.63
N VAL A 144 21.47 60.04 15.54
CA VAL A 144 22.48 60.03 16.59
C VAL A 144 21.89 60.49 17.92
N THR A 145 22.45 59.93 19.00
CA THR A 145 22.15 60.37 20.36
C THR A 145 23.30 61.22 20.86
N TYR A 146 22.98 62.38 21.41
CA TYR A 146 24.00 63.24 21.98
C TYR A 146 24.32 62.79 23.39
N VAL A 147 25.61 62.69 23.70
CA VAL A 147 26.07 62.18 24.97
C VAL A 147 27.12 63.12 25.55
N ASN A 148 27.22 63.14 26.88
CA ASN A 148 28.19 64.03 27.51
C ASN A 148 29.62 63.59 27.23
N ASN A 149 29.87 62.28 27.23
CA ASN A 149 31.24 61.77 27.19
C ASN A 149 31.25 60.51 26.32
N LEU A 150 31.90 60.59 25.17
CA LEU A 150 31.90 59.48 24.22
C LEU A 150 32.58 58.24 24.76
N SER A 151 33.36 58.36 25.83
CA SER A 151 34.05 57.21 26.42
C SER A 151 33.33 56.67 27.64
N ASN A 152 32.23 57.27 28.06
CA ASN A 152 31.56 56.88 29.28
C ASN A 152 30.09 57.28 29.24
N LEU A 153 29.27 56.49 28.54
CA LEU A 153 27.85 56.78 28.43
C LEU A 153 27.12 56.44 29.72
N SER A 154 26.16 57.29 30.07
CA SER A 154 25.28 56.99 31.19
C SER A 154 24.27 55.91 30.80
N THR A 155 23.59 55.38 31.82
CA THR A 155 22.55 54.39 31.57
C THR A 155 21.45 54.95 30.68
N SER A 156 20.99 56.17 30.97
CA SER A 156 19.93 56.77 30.18
C SER A 156 20.39 57.05 28.76
N GLU A 157 21.66 57.42 28.57
CA GLU A 157 22.17 57.61 27.21
C GLU A 157 22.20 56.29 26.45
N ARG A 158 22.63 55.22 27.12
CA ARG A 158 22.59 53.91 26.48
C ARG A 158 21.15 53.52 26.12
N ASP A 159 20.20 53.79 27.02
CA ASP A 159 18.79 53.50 26.74
C ASP A 159 18.32 54.25 25.50
N ALA A 160 18.68 55.53 25.38
CA ALA A 160 18.23 56.34 24.26
C ALA A 160 18.81 55.81 22.95
N VAL A 161 20.08 55.40 22.96
CA VAL A 161 20.67 54.81 21.76
C VAL A 161 19.90 53.56 21.35
N ALA A 162 19.61 52.68 22.30
CA ALA A 162 18.89 51.45 21.99
C ALA A 162 17.54 51.76 21.35
N ALA A 163 16.84 52.75 21.87
CA ALA A 163 15.55 53.14 21.29
C ALA A 163 15.71 53.69 19.89
N ALA A 164 16.75 54.50 19.67
CA ALA A 164 17.04 55.13 18.36
C ALA A 164 17.32 54.03 17.33
N VAL A 165 18.02 52.97 17.73
CA VAL A 165 18.38 51.84 16.83
C VAL A 165 17.11 51.09 16.43
N ARG A 166 16.19 50.90 17.37
CA ARG A 166 14.91 50.20 17.09
C ARG A 166 14.08 51.06 16.12
N ALA A 167 13.96 52.35 16.38
CA ALA A 167 13.18 53.31 15.56
C ALA A 167 13.66 53.28 14.10
N ALA A 168 14.96 53.12 13.87
CA ALA A 168 15.58 53.13 12.53
C ALA A 168 15.59 51.73 11.92
N ASN A 169 15.19 50.69 12.66
CA ASN A 169 15.26 49.32 12.18
C ASN A 169 13.97 48.57 12.48
N PRO A 170 12.85 49.03 11.91
CA PRO A 170 11.56 48.35 12.16
C PRO A 170 11.50 46.94 11.62
N SER A 171 12.41 46.55 10.72
CA SER A 171 12.38 45.21 10.15
C SER A 171 13.04 44.17 11.04
N LEU A 172 13.78 44.59 12.07
CA LEU A 172 14.48 43.61 12.90
C LEU A 172 13.48 42.73 13.65
N PRO A 173 13.83 41.47 13.88
CA PRO A 173 12.93 40.60 14.65
C PRO A 173 12.52 41.26 15.95
N SER A 174 11.24 41.12 16.30
CA SER A 174 10.72 41.80 17.48
C SER A 174 11.48 41.40 18.75
N ALA A 175 11.93 40.15 18.82
CA ALA A 175 12.59 39.63 20.02
C ALA A 175 14.11 39.86 20.02
N ALA A 176 14.66 40.49 18.99
CA ALA A 176 16.07 40.85 19.01
C ALA A 176 16.34 41.80 20.17
N LYS A 177 17.51 41.64 20.79
CA LYS A 177 17.92 42.46 21.93
C LYS A 177 18.98 43.45 21.48
N ILE A 178 18.76 44.72 21.79
CA ILE A 178 19.66 45.80 21.41
C ILE A 178 20.35 46.27 22.68
N THR A 179 21.67 46.12 22.74
CA THR A 179 22.46 46.56 23.87
C THR A 179 23.50 47.55 23.40
N VAL A 180 23.90 48.43 24.31
CA VAL A 180 24.80 49.54 24.01
C VAL A 180 25.89 49.55 25.07
N SER A 181 27.14 49.60 24.61
CA SER A 181 28.34 49.55 25.48
C SER A 181 28.61 50.94 26.07
N GLN A 182 29.65 51.02 26.92
CA GLN A 182 30.12 52.26 27.59
C GLN A 182 30.54 53.33 26.57
N ASN A 183 31.01 52.97 25.38
CA ASN A 183 31.46 53.94 24.35
C ASN A 183 30.41 54.08 23.22
N GLY A 184 29.19 53.56 23.41
CA GLY A 184 28.10 53.73 22.43
C GLY A 184 28.07 52.67 21.35
N THR A 185 28.93 51.66 21.39
CA THR A 185 28.88 50.59 20.41
C THR A 185 27.58 49.81 20.60
N VAL A 186 26.89 49.53 19.48
CA VAL A 186 25.60 48.85 19.52
C VAL A 186 25.80 47.39 19.12
N THR A 187 25.25 46.49 19.92
CA THR A 187 25.15 45.07 19.58
C THR A 187 23.69 44.72 19.43
N ILE A 188 23.34 44.16 18.29
CA ILE A 188 22.03 43.60 18.03
C ILE A 188 22.17 42.10 18.15
N THR A 189 21.54 41.50 19.17
CA THR A 189 21.57 40.06 19.36
C THR A 189 20.24 39.50 18.86
N TYR A 190 20.31 38.73 17.79
CA TYR A 190 19.10 38.18 17.20
C TYR A 190 18.57 37.03 18.04
N PRO A 191 17.30 36.65 17.82
CA PRO A 191 16.74 35.53 18.61
C PRO A 191 17.57 34.25 18.58
N ASP A 192 18.33 34.00 17.50
CA ASP A 192 19.18 32.82 17.44
C ASP A 192 20.56 33.04 18.05
N ARG A 193 20.75 34.20 18.68
CA ARG A 193 21.98 34.54 19.45
C ARG A 193 23.13 35.00 18.54
N SER A 194 23.00 34.97 17.21
CA SER A 194 23.99 35.66 16.40
C SER A 194 23.85 37.17 16.61
N THR A 195 24.84 37.92 16.14
CA THR A 195 24.89 39.35 16.41
C THR A 195 25.30 40.14 15.18
N ASP A 196 24.88 41.41 15.16
CA ASP A 196 25.43 42.45 14.31
C ASP A 196 25.88 43.60 15.20
N THR A 197 26.78 44.43 14.68
CA THR A 197 27.29 45.57 15.43
C THR A 197 27.14 46.84 14.59
N ILE A 198 26.92 47.96 15.26
CA ILE A 198 26.95 49.28 14.65
C ILE A 198 28.01 50.09 15.36
N PRO A 199 29.00 50.65 14.65
CA PRO A 199 30.07 51.39 15.33
C PRO A 199 29.55 52.65 16.03
N ALA A 200 30.21 52.97 17.14
CA ALA A 200 29.79 54.12 17.94
C ALA A 200 29.79 55.41 17.14
N ASN A 201 30.69 55.55 16.17
CA ASN A 201 30.82 56.84 15.51
C ASN A 201 29.66 57.14 14.55
N ARG A 202 28.76 56.18 14.34
CA ARG A 202 27.53 56.45 13.59
C ARG A 202 26.31 56.53 14.49
N VAL A 203 26.46 56.45 15.81
N VAL A 203 26.50 56.45 15.80
CA VAL A 203 25.29 56.38 16.68
CA VAL A 203 25.41 56.24 16.76
C VAL A 203 25.31 57.44 17.77
C VAL A 203 25.35 57.35 17.79
N VAL A 204 26.50 57.88 18.21
CA VAL A 204 26.59 58.89 19.26
C VAL A 204 27.46 60.03 18.79
N LYS A 205 27.26 61.19 19.40
CA LYS A 205 28.05 62.42 19.13
C LYS A 205 28.25 63.17 20.45
N ASP A 206 29.42 63.77 20.67
CA ASP A 206 29.75 64.56 21.87
C ASP A 206 28.79 65.76 21.87
N LEU A 207 28.18 66.08 23.01
CA LEU A 207 27.18 67.17 23.12
C LEU A 207 27.84 68.52 22.83
N GLN A 208 29.01 68.76 23.40
CA GLN A 208 29.78 70.02 23.21
C GLN A 208 30.57 69.92 21.90
N GLY B 1 -18.29 -9.52 17.46
CA GLY B 1 -18.69 -10.21 16.26
C GLY B 1 -18.03 -9.65 15.01
N PRO B 2 -18.35 -10.22 13.85
CA PRO B 2 -17.67 -9.80 12.62
C PRO B 2 -18.13 -8.43 12.15
N GLY B 3 -17.18 -7.69 11.56
CA GLY B 3 -17.53 -6.42 10.94
C GLY B 3 -18.14 -6.62 9.57
N SER B 4 -18.82 -5.57 9.10
CA SER B 4 -19.45 -5.57 7.80
C SER B 4 -18.67 -4.68 6.84
N ASN B 5 -19.01 -4.78 5.56
CA ASN B 5 -18.40 -3.92 4.56
C ASN B 5 -18.64 -2.46 4.91
N ASP B 6 -17.69 -1.63 4.50
CA ASP B 6 -17.63 -0.23 4.93
C ASP B 6 -18.67 0.60 4.17
N THR B 7 -19.66 1.11 4.90
CA THR B 7 -20.65 2.03 4.35
C THR B 7 -20.67 3.37 5.07
N GLU B 8 -19.62 3.67 5.83
CA GLU B 8 -19.58 4.83 6.72
C GLU B 8 -18.56 5.82 6.20
N ALA B 9 -18.99 7.06 6.02
CA ALA B 9 -18.10 8.08 5.49
C ALA B 9 -17.09 8.53 6.55
N PRO B 10 -15.93 9.03 6.13
CA PRO B 10 -14.99 9.61 7.09
C PRO B 10 -15.59 10.80 7.84
N GLN B 11 -15.11 11.01 9.05
CA GLN B 11 -15.58 12.08 9.91
C GLN B 11 -14.48 13.12 10.10
N VAL B 12 -14.88 14.37 10.26
CA VAL B 12 -13.92 15.51 10.30
C VAL B 12 -14.11 16.34 11.58
N LYS B 13 -13.01 16.77 12.21
CA LYS B 13 -13.01 17.65 13.39
C LYS B 13 -12.19 18.87 12.97
N SER B 14 -12.78 20.05 12.84
CA SER B 14 -12.05 21.26 12.40
C SER B 14 -12.09 22.30 13.53
N GLY B 15 -12.83 23.42 13.46
CA GLY B 15 -12.76 24.47 14.48
C GLY B 15 -13.10 25.81 13.86
N ASP B 16 -13.05 26.86 14.66
CA ASP B 16 -13.31 28.25 14.21
C ASP B 16 -11.93 28.84 13.90
N TYR B 17 -11.67 29.27 12.66
CA TYR B 17 -10.34 29.76 12.24
C TYR B 17 -10.39 31.25 11.94
N VAL B 18 -9.46 31.99 12.53
CA VAL B 18 -9.31 33.42 12.31
C VAL B 18 -7.98 33.66 11.62
N VAL B 19 -7.99 34.56 10.63
CA VAL B 19 -6.80 34.97 9.90
C VAL B 19 -6.83 36.48 9.76
N TYR B 20 -5.67 37.05 9.46
CA TYR B 20 -5.50 38.51 9.43
C TYR B 20 -4.86 38.95 8.12
N ARG B 21 -5.36 40.02 7.53
CA ARG B 21 -4.77 40.53 6.31
C ARG B 21 -3.30 40.88 6.53
N GLY B 22 -2.46 40.49 5.57
CA GLY B 22 -1.04 40.75 5.64
C GLY B 22 -0.26 39.75 6.45
N GLU B 23 -0.87 38.65 6.87
CA GLU B 23 -0.28 37.70 7.81
C GLU B 23 -0.49 36.28 7.28
N SER B 24 0.39 35.38 7.70
CA SER B 24 0.31 33.94 7.33
C SER B 24 -0.53 33.22 8.38
N PHE B 25 -1.13 32.10 8.02
CA PHE B 25 -1.95 31.29 8.94
C PHE B 25 -1.70 29.82 8.63
N GLU B 26 -1.92 28.97 9.63
CA GLU B 26 -1.72 27.50 9.53
C GLU B 26 -2.68 26.83 10.51
N TYR B 27 -3.64 26.03 10.03
CA TYR B 27 -4.58 25.30 10.91
C TYR B 27 -4.59 23.84 10.45
N TYR B 28 -4.86 22.93 11.38
CA TYR B 28 -4.89 21.48 11.10
C TYR B 28 -6.24 20.90 11.50
N ALA B 29 -6.96 20.36 10.53
CA ALA B 29 -8.18 19.61 10.80
C ALA B 29 -7.83 18.12 10.91
N GLU B 30 -8.72 17.37 11.56
CA GLU B 30 -8.50 15.96 11.87
C GLU B 30 -9.60 15.12 11.26
N ILE B 31 -9.20 14.09 10.51
N ILE B 31 -9.20 14.09 10.51
CA ILE B 31 -10.13 13.22 9.79
CA ILE B 31 -10.12 13.22 9.79
C ILE B 31 -9.89 11.78 10.21
C ILE B 31 -9.89 11.79 10.23
N THR B 32 -10.99 11.06 10.46
CA THR B 32 -10.93 9.66 10.84
C THR B 32 -11.89 8.86 9.97
N ASP B 33 -11.61 7.57 9.81
CA ASP B 33 -12.54 6.68 9.16
C ASP B 33 -12.56 5.35 9.90
N ASN B 34 -13.74 4.72 9.91
CA ASN B 34 -13.88 3.44 10.62
C ASN B 34 -12.95 2.38 10.05
N SER B 35 -12.62 2.46 8.76
CA SER B 35 -11.68 1.52 8.17
C SER B 35 -10.22 1.86 8.46
N GLY B 36 -9.95 3.06 9.00
CA GLY B 36 -8.60 3.49 9.28
C GLY B 36 -7.85 4.10 8.11
N GLN B 37 -8.47 4.22 6.93
CA GLN B 37 -7.78 4.71 5.74
C GLN B 37 -8.63 5.75 5.02
N VAL B 38 -8.01 6.88 4.67
CA VAL B 38 -8.62 7.90 3.83
C VAL B 38 -7.75 8.06 2.59
N ASN B 39 -8.38 8.05 1.41
CA ASN B 39 -7.67 8.17 0.16
C ASN B 39 -7.66 9.58 -0.41
N ASN B 40 -8.56 10.45 0.02
CA ASN B 40 -8.57 11.81 -0.50
C ASN B 40 -9.25 12.73 0.50
N VAL B 41 -8.79 13.97 0.54
CA VAL B 41 -9.43 15.05 1.29
C VAL B 41 -9.52 16.25 0.37
N VAL B 42 -10.71 16.85 0.30
CA VAL B 42 -10.95 18.03 -0.52
C VAL B 42 -11.56 19.10 0.36
N VAL B 43 -10.96 20.29 0.35
CA VAL B 43 -11.55 21.48 0.94
C VAL B 43 -12.17 22.29 -0.18
N ARG B 44 -13.44 22.66 -0.03
CA ARG B 44 -14.19 23.16 -1.17
C ARG B 44 -15.34 24.05 -0.72
N ASN B 45 -15.76 24.91 -1.65
CA ASN B 45 -17.07 25.52 -1.56
C ASN B 45 -18.14 24.45 -1.74
N VAL B 46 -19.33 24.67 -1.19
CA VAL B 46 -20.43 23.68 -1.30
C VAL B 46 -20.93 23.66 -2.75
N GLU B 47 -20.94 24.82 -3.42
CA GLU B 47 -21.43 24.96 -4.83
C GLU B 47 -20.33 24.55 -5.81
N LEU B 48 -20.65 23.75 -6.83
CA LEU B 48 -19.66 23.33 -7.86
C LEU B 48 -19.24 24.57 -8.65
N THR B 52 -18.22 24.42 -15.50
CA THR B 52 -17.18 23.46 -15.17
C THR B 52 -17.78 22.22 -14.50
N ASN B 53 -18.72 22.44 -13.59
CA ASN B 53 -19.38 21.35 -12.87
C ASN B 53 -18.37 20.54 -12.06
N MET B 54 -17.38 21.23 -11.50
CA MET B 54 -16.36 20.62 -10.68
C MET B 54 -16.18 21.42 -9.40
N PRO B 55 -15.76 20.79 -8.31
CA PRO B 55 -15.55 21.53 -7.06
C PRO B 55 -14.42 22.54 -7.21
N TYR B 56 -14.45 23.54 -6.35
CA TYR B 56 -13.42 24.60 -6.32
C TYR B 56 -13.37 25.14 -4.89
N LEU B 57 -12.39 25.99 -4.63
CA LEU B 57 -12.25 26.60 -3.33
C LEU B 57 -11.83 28.06 -3.50
N THR B 58 -12.63 28.95 -2.93
CA THR B 58 -12.25 30.35 -2.78
C THR B 58 -12.25 30.68 -1.29
N PRO B 59 -11.50 31.71 -0.87
CA PRO B 59 -10.61 32.57 -1.66
C PRO B 59 -9.44 31.80 -2.27
N ASP B 60 -8.91 32.30 -3.38
CA ASP B 60 -7.81 31.61 -4.05
C ASP B 60 -6.59 31.51 -3.16
N TRP B 61 -6.43 32.39 -2.17
CA TRP B 61 -5.27 32.37 -1.29
C TRP B 61 -5.42 31.36 -0.15
N LEU B 62 -6.58 30.73 -0.01
CA LEU B 62 -6.76 29.66 0.97
C LEU B 62 -6.32 28.36 0.33
N LYS B 63 -5.26 27.78 0.88
CA LYS B 63 -4.66 26.56 0.36
C LYS B 63 -4.82 25.42 1.37
N TYR B 64 -4.63 24.20 0.89
CA TYR B 64 -4.65 23.05 1.79
C TYR B 64 -3.75 21.96 1.26
N SER B 65 -3.30 21.10 2.17
N SER B 65 -3.30 21.09 2.17
CA SER B 65 -2.47 19.96 1.83
CA SER B 65 -2.48 19.96 1.80
C SER B 65 -2.68 18.88 2.86
C SER B 65 -2.62 18.88 2.87
N THR B 66 -2.55 17.63 2.43
CA THR B 66 -2.66 16.48 3.31
C THR B 66 -1.56 15.49 2.97
N ASP B 67 -0.73 15.17 3.96
CA ASP B 67 0.38 14.19 3.78
C ASP B 67 -0.16 12.79 4.08
N ASN B 68 0.50 11.76 3.54
CA ASN B 68 0.22 10.32 3.78
C ASN B 68 -1.20 9.92 3.33
N LEU B 69 -1.68 10.42 2.20
CA LEU B 69 -3.02 10.06 1.64
C LEU B 69 -2.94 8.66 1.04
N GLY B 70 -4.05 7.91 1.05
CA GLY B 70 -4.20 6.57 0.44
C GLY B 70 -3.28 5.52 1.04
N GLN B 71 -2.95 5.65 2.33
CA GLN B 71 -2.09 4.68 3.05
C GLN B 71 -2.93 3.99 4.14
N PRO B 72 -2.96 2.64 4.25
CA PRO B 72 -3.71 2.00 5.33
C PRO B 72 -3.29 2.52 6.71
N GLY B 73 -4.25 2.71 7.62
CA GLY B 73 -3.97 3.18 8.96
C GLY B 73 -3.62 4.65 9.05
N ASN B 74 -3.82 5.42 7.99
CA ASN B 74 -3.48 6.84 8.02
C ASN B 74 -4.54 7.70 8.70
N ALA B 75 -5.69 7.14 9.05
CA ALA B 75 -6.81 7.93 9.53
C ALA B 75 -7.62 7.17 10.58
N THR B 76 -6.93 6.63 11.59
CA THR B 76 -7.61 5.97 12.69
C THR B 76 -8.08 6.99 13.71
N VAL B 77 -9.09 6.59 14.50
CA VAL B 77 -9.53 7.46 15.59
C VAL B 77 -8.40 7.68 16.57
N GLU B 78 -7.48 6.72 16.66
CA GLU B 78 -6.31 6.80 17.58
C GLU B 78 -5.34 7.89 17.07
N ASN B 79 -4.99 7.85 15.78
CA ASN B 79 -4.06 8.80 15.13
C ASN B 79 -4.70 9.36 13.88
N PRO B 80 -5.62 10.36 13.97
CA PRO B 80 -6.28 10.89 12.78
C PRO B 80 -5.36 11.48 11.69
N LEU B 81 -5.86 11.52 10.46
CA LEU B 81 -5.16 12.15 9.30
C LEU B 81 -5.22 13.66 9.53
N ARG B 82 -4.11 14.37 9.36
CA ARG B 82 -4.10 15.82 9.53
C ARG B 82 -4.14 16.50 8.16
N THR B 83 -5.12 17.38 7.98
CA THR B 83 -5.21 18.22 6.78
C THR B 83 -4.86 19.65 7.17
N LYS B 84 -3.91 20.24 6.46
CA LYS B 84 -3.42 21.57 6.79
C LYS B 84 -4.12 22.61 5.92
N LEU B 85 -4.70 23.62 6.57
CA LEU B 85 -5.25 24.79 5.89
C LEU B 85 -4.30 25.95 6.13
N TYR B 86 -3.87 26.61 5.07
CA TYR B 86 -2.78 27.58 5.21
C TYR B 86 -2.85 28.60 4.10
N GLY B 87 -2.07 29.66 4.26
CA GLY B 87 -1.97 30.68 3.24
C GLY B 87 -1.37 31.95 3.80
N ASN B 88 -1.25 32.93 2.90
CA ASN B 88 -0.87 34.30 3.25
C ASN B 88 -2.02 35.21 2.83
N VAL B 89 -2.63 35.88 3.79
CA VAL B 89 -3.81 36.70 3.49
C VAL B 89 -3.35 37.96 2.77
N PRO B 90 -3.84 38.25 1.56
CA PRO B 90 -3.45 39.48 0.88
C PRO B 90 -3.86 40.72 1.66
N LEU B 91 -3.09 41.79 1.49
CA LEU B 91 -3.36 43.08 2.16
C LEU B 91 -4.64 43.72 1.61
N ASP B 92 -4.95 43.47 0.34
CA ASP B 92 -6.05 44.13 -0.41
C ASP B 92 -7.35 43.31 -0.44
N THR B 93 -7.38 42.12 0.15
CA THR B 93 -8.61 41.26 0.17
C THR B 93 -9.63 41.87 1.13
N VAL B 94 -10.90 41.54 0.96
CA VAL B 94 -11.93 42.08 1.85
C VAL B 94 -11.87 41.35 3.19
N VAL B 95 -12.44 41.98 4.20
CA VAL B 95 -12.61 41.37 5.51
C VAL B 95 -14.02 40.81 5.58
N GLY B 96 -14.18 39.69 6.25
CA GLY B 96 -15.46 39.02 6.33
C GLY B 96 -15.29 37.55 6.58
N ILE B 97 -16.40 36.83 6.39
CA ILE B 97 -16.54 35.43 6.79
C ILE B 97 -16.64 34.55 5.56
N TYR B 98 -16.03 33.36 5.64
CA TYR B 98 -16.16 32.33 4.63
C TYR B 98 -16.53 31.02 5.32
N THR B 99 -17.53 30.33 4.79
CA THR B 99 -17.96 29.04 5.31
C THR B 99 -17.65 27.98 4.26
N ARG B 100 -16.83 27.00 4.62
CA ARG B 100 -16.34 26.01 3.67
C ARG B 100 -16.40 24.64 4.29
N TYR B 101 -16.10 23.62 3.48
CA TYR B 101 -16.33 22.24 3.85
C TYR B 101 -15.09 21.40 3.58
N ILE B 102 -14.84 20.44 4.47
CA ILE B 102 -13.76 19.47 4.33
C ILE B 102 -14.40 18.11 4.07
N VAL B 103 -14.09 17.51 2.92
CA VAL B 103 -14.79 16.33 2.43
C VAL B 103 -13.73 15.25 2.17
N ALA B 104 -13.81 14.15 2.93
CA ALA B 104 -12.84 13.07 2.83
C ALA B 104 -13.49 11.82 2.27
N THR B 105 -12.68 10.97 1.64
CA THR B 105 -13.15 9.77 0.98
C THR B 105 -12.31 8.57 1.43
N ASP B 106 -12.98 7.47 1.72
CA ASP B 106 -12.33 6.23 2.11
C ASP B 106 -12.21 5.30 0.91
N PRO B 107 -11.53 4.16 1.07
CA PRO B 107 -11.34 3.27 -0.08
C PRO B 107 -12.64 2.75 -0.68
N ALA B 108 -13.70 2.68 0.11
CA ALA B 108 -14.98 2.17 -0.38
C ALA B 108 -15.81 3.22 -1.10
N ASN B 109 -15.25 4.39 -1.38
CA ASN B 109 -15.93 5.48 -2.09
C ASN B 109 -16.97 6.17 -1.24
N ASN B 110 -16.96 5.97 0.09
CA ASN B 110 -17.80 6.75 0.98
C ASN B 110 -17.17 8.11 1.20
N THR B 111 -17.96 9.17 1.05
CA THR B 111 -17.46 10.53 1.12
C THR B 111 -18.27 11.34 2.12
N THR B 112 -17.56 12.16 2.90
CA THR B 112 -18.21 13.04 3.87
C THR B 112 -19.28 13.87 3.18
N ARG B 113 -20.48 13.88 3.75
CA ARG B 113 -21.56 14.67 3.19
C ARG B 113 -21.51 16.09 3.71
N MET B 114 -21.82 17.04 2.82
CA MET B 114 -21.86 18.46 3.17
C MET B 114 -23.29 18.80 3.57
N ILE B 115 -23.46 19.31 4.79
CA ILE B 115 -24.74 19.76 5.30
C ILE B 115 -24.59 21.23 5.68
N GLN B 116 -25.41 22.09 5.06
CA GLN B 116 -25.32 23.54 5.29
C GLN B 116 -26.14 23.90 6.53
N ASN B 117 -25.55 23.63 7.69
CA ASN B 117 -26.20 23.86 8.96
C ASN B 117 -25.14 24.25 9.99
N PRO B 118 -25.32 25.36 10.71
CA PRO B 118 -24.33 25.73 11.73
C PRO B 118 -24.07 24.66 12.79
N ASN B 119 -24.96 23.68 12.94
CA ASN B 119 -24.67 22.64 13.92
C ASN B 119 -23.55 21.71 13.46
N ARG B 120 -23.09 21.87 12.23
CA ARG B 120 -21.91 21.17 11.73
C ARG B 120 -20.63 21.98 11.88
N ASP B 121 -20.73 23.22 12.38
CA ASP B 121 -19.56 24.11 12.56
C ASP B 121 -18.54 23.42 13.48
N GLY B 122 -17.25 23.39 13.10
CA GLY B 122 -16.18 22.74 13.87
C GLY B 122 -16.04 21.25 13.55
N LEU B 123 -16.82 20.74 12.60
CA LEU B 123 -16.85 19.32 12.17
C LEU B 123 -16.39 19.35 10.70
N GLU B 124 -17.10 18.81 9.68
CA GLU B 124 -16.67 18.91 8.27
C GLU B 124 -16.94 20.31 7.71
N ARG B 125 -17.75 21.12 8.41
CA ARG B 125 -18.02 22.53 8.03
C ARG B 125 -17.22 23.46 8.95
N PHE B 126 -16.59 24.51 8.40
CA PHE B 126 -15.84 25.44 9.23
C PHE B 126 -16.06 26.87 8.75
N VAL B 127 -15.94 27.79 9.70
CA VAL B 127 -16.08 29.21 9.46
C VAL B 127 -14.69 29.83 9.53
N LEU B 128 -14.30 30.52 8.46
CA LEU B 128 -13.03 31.23 8.38
C LEU B 128 -13.32 32.72 8.44
N THR B 129 -12.80 33.38 9.48
CA THR B 129 -12.99 34.81 9.69
C THR B 129 -11.73 35.55 9.26
N VAL B 130 -11.87 36.48 8.33
CA VAL B 130 -10.76 37.32 7.89
C VAL B 130 -10.93 38.68 8.57
N LYS B 131 -9.98 39.04 9.42
CA LYS B 131 -10.00 40.30 10.13
C LYS B 131 -8.92 41.23 9.58
N SER B 132 -9.12 42.52 9.83
CA SER B 132 -8.11 43.50 9.44
C SER B 132 -6.84 43.32 10.26
N GLN B 133 -5.72 43.73 9.68
CA GLN B 133 -4.41 43.50 10.28
C GLN B 133 -4.30 44.14 11.66
N ASN B 134 -5.00 45.26 11.89
CA ASN B 134 -4.91 45.91 13.19
C ASN B 134 -5.42 45.03 14.32
N GLU B 135 -6.26 44.05 14.02
CA GLU B 135 -6.83 43.20 15.07
C GLU B 135 -5.83 42.20 15.63
N LYS B 136 -4.68 42.03 14.99
N LYS B 136 -4.67 42.03 14.98
CA LYS B 136 -3.66 41.12 15.49
CA LYS B 136 -3.65 41.13 15.46
C LYS B 136 -2.70 41.79 16.47
C LYS B 136 -2.69 41.79 16.44
N TYR B 137 -2.68 43.12 16.52
CA TYR B 137 -1.70 43.86 17.29
C TYR B 137 -2.38 44.74 18.34
N ASP B 138 -1.71 44.91 19.48
CA ASP B 138 -2.17 45.75 20.58
C ASP B 138 -1.03 46.70 20.92
N PRO B 139 -1.00 47.89 20.30
CA PRO B 139 0.13 48.79 20.51
C PRO B 139 0.32 49.19 21.97
N ALA B 140 1.57 49.26 22.38
CA ALA B 140 1.95 49.70 23.71
C ALA B 140 2.27 51.20 23.72
N ASP B 141 2.04 51.81 24.87
CA ASP B 141 2.34 53.22 25.04
C ASP B 141 3.84 53.46 24.91
N PRO B 142 4.26 54.56 24.30
CA PRO B 142 5.69 54.89 24.24
C PRO B 142 6.13 55.62 25.50
N SER B 143 7.45 55.69 25.67
N SER B 143 7.45 55.68 25.68
CA SER B 143 8.05 56.64 26.58
CA SER B 143 8.00 56.63 26.63
C SER B 143 7.67 58.04 26.13
C SER B 143 7.66 58.03 26.15
N VAL B 144 7.20 58.87 27.07
CA VAL B 144 6.60 60.15 26.70
C VAL B 144 7.64 61.06 26.07
N THR B 145 7.17 61.88 25.13
CA THR B 145 7.97 62.92 24.51
C THR B 145 7.57 64.26 25.12
N TYR B 146 8.55 65.02 25.57
CA TYR B 146 8.28 66.35 26.11
C TYR B 146 8.16 67.35 24.98
N VAL B 147 7.09 68.14 25.02
CA VAL B 147 6.75 69.07 23.96
C VAL B 147 6.49 70.43 24.59
N ASN B 148 6.67 71.48 23.78
CA ASN B 148 6.45 72.83 24.28
C ASN B 148 4.98 73.10 24.50
N ASN B 149 4.13 72.68 23.56
CA ASN B 149 2.71 73.04 23.56
C ASN B 149 1.90 71.83 23.16
N LEU B 150 1.11 71.30 24.10
CA LEU B 150 0.33 70.09 23.85
C LEU B 150 -0.72 70.28 22.77
N SER B 151 -1.03 71.51 22.39
CA SER B 151 -2.00 71.77 21.34
C SER B 151 -1.35 72.08 20.00
N ASN B 152 -0.02 72.15 19.93
CA ASN B 152 0.66 72.57 18.72
C ASN B 152 2.08 72.02 18.67
N LEU B 153 2.22 70.73 18.37
CA LEU B 153 3.53 70.09 18.29
C LEU B 153 4.29 70.55 17.06
N SER B 154 5.60 70.73 17.22
CA SER B 154 6.48 70.99 16.10
C SER B 154 6.69 69.72 15.29
N THR B 155 7.28 69.89 14.11
CA THR B 155 7.60 68.73 13.27
C THR B 155 8.56 67.79 13.99
N SER B 156 9.64 68.34 14.57
CA SER B 156 10.62 67.49 15.26
C SER B 156 10.01 66.79 16.47
N GLU B 157 9.06 67.43 17.15
CA GLU B 157 8.37 66.77 18.25
C GLU B 157 7.51 65.62 17.74
N ARG B 158 6.84 65.82 16.61
CA ARG B 158 6.05 64.74 16.02
C ARG B 158 6.95 63.59 15.56
N ASP B 159 8.09 63.91 14.94
CA ASP B 159 9.06 62.88 14.57
C ASP B 159 9.51 62.10 15.80
N ALA B 160 9.79 62.80 16.90
CA ALA B 160 10.28 62.14 18.10
C ALA B 160 9.24 61.19 18.68
N VAL B 161 7.97 61.61 18.67
CA VAL B 161 6.90 60.73 19.13
C VAL B 161 6.86 59.46 18.29
N ALA B 162 6.92 59.62 16.96
CA ALA B 162 6.81 58.46 16.08
C ALA B 162 7.93 57.46 16.35
N ALA B 163 9.13 57.96 16.60
CA ALA B 163 10.25 57.07 16.93
C ALA B 163 10.04 56.38 18.26
N ALA B 164 9.55 57.12 19.26
CA ALA B 164 9.25 56.50 20.56
C ALA B 164 8.22 55.40 20.43
N VAL B 165 7.21 55.61 19.59
CA VAL B 165 6.17 54.60 19.38
C VAL B 165 6.77 53.34 18.75
N ARG B 166 7.64 53.50 17.76
CA ARG B 166 8.27 52.33 17.15
C ARG B 166 9.16 51.61 18.15
N ALA B 167 9.94 52.37 18.94
CA ALA B 167 10.86 51.75 19.89
C ALA B 167 10.10 50.93 20.93
N ALA B 168 8.90 51.38 21.31
CA ALA B 168 8.07 50.65 22.26
C ALA B 168 7.28 49.51 21.64
N ASN B 169 7.28 49.40 20.31
CA ASN B 169 6.42 48.44 19.60
C ASN B 169 7.21 47.70 18.54
N PRO B 170 8.23 46.94 18.94
CA PRO B 170 9.04 46.21 17.95
C PRO B 170 8.25 45.14 17.21
N SER B 171 7.10 44.71 17.74
CA SER B 171 6.31 43.67 17.09
C SER B 171 5.45 44.20 15.95
N LEU B 172 5.32 45.52 15.79
CA LEU B 172 4.50 46.05 14.73
C LEU B 172 5.09 45.70 13.35
N PRO B 173 4.23 45.47 12.35
CA PRO B 173 4.74 45.22 11.00
C PRO B 173 5.72 46.30 10.58
N SER B 174 6.79 45.89 9.89
CA SER B 174 7.85 46.83 9.57
C SER B 174 7.36 47.94 8.65
N ALA B 175 6.38 47.63 7.79
CA ALA B 175 5.87 48.61 6.84
C ALA B 175 4.69 49.41 7.38
N ALA B 176 4.34 49.22 8.65
CA ALA B 176 3.29 50.01 9.32
C ALA B 176 3.79 51.46 9.32
N LYS B 177 2.92 52.44 9.08
CA LYS B 177 3.32 53.86 9.05
C LYS B 177 2.82 54.53 10.34
N ILE B 178 3.69 55.18 11.10
CA ILE B 178 3.29 55.85 12.37
C ILE B 178 3.26 57.35 12.11
N THR B 179 2.10 57.97 12.26
CA THR B 179 1.96 59.41 12.11
C THR B 179 1.46 60.01 13.40
N VAL B 180 1.76 61.29 13.59
CA VAL B 180 1.49 62.02 14.82
C VAL B 180 0.82 63.33 14.45
N SER B 181 -0.31 63.62 15.11
CA SER B 181 -1.08 64.81 14.80
C SER B 181 -0.56 66.03 15.56
N GLN B 182 -1.20 67.16 15.31
CA GLN B 182 -0.79 68.43 15.91
C GLN B 182 -0.88 68.43 17.43
N ASN B 183 -1.67 67.54 18.03
CA ASN B 183 -1.77 67.46 19.48
C ASN B 183 -1.16 66.18 20.03
N GLY B 184 -0.40 65.45 19.22
CA GLY B 184 0.31 64.28 19.69
C GLY B 184 -0.46 62.99 19.59
N THR B 185 -1.67 62.99 19.04
CA THR B 185 -2.39 61.75 18.83
C THR B 185 -1.65 60.90 17.81
N VAL B 186 -1.46 59.62 18.13
CA VAL B 186 -0.70 58.69 17.30
C VAL B 186 -1.66 57.86 16.49
N THR B 187 -1.43 57.79 15.17
CA THR B 187 -2.10 56.84 14.30
C THR B 187 -1.08 55.85 13.75
N ILE B 188 -1.38 54.57 13.93
CA ILE B 188 -0.59 53.49 13.35
C ILE B 188 -1.41 52.97 12.17
N THR B 189 -0.90 53.12 10.96
CA THR B 189 -1.56 52.62 9.76
C THR B 189 -0.84 51.35 9.32
N TYR B 190 -1.52 50.23 9.43
CA TYR B 190 -0.92 48.96 9.08
C TYR B 190 -0.83 48.79 7.57
N PRO B 191 -0.03 47.84 7.10
CA PRO B 191 0.09 47.63 5.65
C PRO B 191 -1.24 47.42 4.93
N ASP B 192 -2.23 46.84 5.61
CA ASP B 192 -3.56 46.59 4.98
C ASP B 192 -4.46 47.84 5.01
N ARG B 193 -3.93 49.00 5.46
CA ARG B 193 -4.58 50.33 5.58
C ARG B 193 -5.56 50.40 6.75
N SER B 194 -5.56 49.41 7.64
CA SER B 194 -6.37 49.48 8.90
C SER B 194 -5.52 50.30 9.88
N THR B 195 -6.13 50.80 10.95
CA THR B 195 -5.44 51.70 11.86
C THR B 195 -5.68 51.31 13.32
N ASP B 196 -4.74 51.71 14.17
CA ASP B 196 -4.90 51.82 15.60
C ASP B 196 -4.48 53.22 16.01
N THR B 197 -4.93 53.65 17.19
N THR B 197 -4.91 53.63 17.21
CA THR B 197 -4.57 54.96 17.71
CA THR B 197 -4.62 54.95 17.73
C THR B 197 -4.12 54.83 19.15
C THR B 197 -4.11 54.83 19.16
N ILE B 198 -3.27 55.79 19.57
CA ILE B 198 -2.83 55.93 20.94
C ILE B 198 -3.15 57.36 21.37
N PRO B 199 -3.86 57.56 22.47
CA PRO B 199 -4.24 58.93 22.85
C PRO B 199 -3.04 59.77 23.24
N ALA B 200 -3.18 61.07 22.99
CA ALA B 200 -2.09 62.00 23.23
C ALA B 200 -1.63 61.99 24.69
N ASN B 201 -2.57 61.84 25.63
CA ASN B 201 -2.17 61.95 27.03
C ASN B 201 -1.34 60.78 27.51
N ARG B 202 -1.08 59.78 26.67
CA ARG B 202 -0.15 58.71 27.00
C ARG B 202 1.17 58.84 26.26
N VAL B 203 1.35 59.86 25.43
CA VAL B 203 2.50 59.90 24.54
CA VAL B 203 2.44 59.94 24.47
C VAL B 203 3.27 61.20 24.65
N VAL B 204 2.60 62.30 25.00
CA VAL B 204 3.29 63.61 25.14
C VAL B 204 3.02 64.21 26.51
N LYS B 205 3.98 65.02 27.00
CA LYS B 205 3.86 65.76 28.28
C LYS B 205 4.35 67.18 28.00
N ASP B 206 3.68 68.19 28.56
CA ASP B 206 3.99 69.61 28.32
C ASP B 206 5.16 70.00 29.23
N LEU B 207 6.13 70.77 28.72
CA LEU B 207 7.31 71.23 29.51
C LEU B 207 6.87 72.33 30.48
N GLN B 208 5.79 73.05 30.13
CA GLN B 208 5.19 74.15 30.93
C GLN B 208 4.17 73.63 31.97
N ILE B 209 3.58 72.44 31.79
CA ILE B 209 2.60 71.90 32.73
C ILE B 209 3.25 70.78 33.53
N SER C 4 -5.28 1.21 20.63
CA SER C 4 -6.52 0.85 19.95
C SER C 4 -7.56 0.32 20.94
N ASN C 5 -8.84 0.54 20.63
CA ASN C 5 -9.93 -0.01 21.41
C ASN C 5 -10.45 -1.33 20.85
N ASP C 6 -9.78 -1.89 19.85
CA ASP C 6 -10.10 -3.23 19.35
C ASP C 6 -9.42 -4.23 20.27
N THR C 7 -10.22 -4.87 21.12
CA THR C 7 -9.72 -5.89 22.04
C THR C 7 -10.32 -7.26 21.73
N GLU C 8 -10.85 -7.44 20.53
CA GLU C 8 -11.57 -8.64 20.14
C GLU C 8 -10.78 -9.37 19.06
N ALA C 9 -10.40 -10.61 19.33
CA ALA C 9 -9.60 -11.38 18.39
C ALA C 9 -10.45 -11.83 17.20
N PRO C 10 -9.81 -12.14 16.07
CA PRO C 10 -10.55 -12.68 14.93
C PRO C 10 -11.24 -14.00 15.27
N GLN C 11 -12.33 -14.28 14.55
CA GLN C 11 -13.11 -15.49 14.72
C GLN C 11 -12.99 -16.37 13.49
N VAL C 12 -13.08 -17.68 13.71
CA VAL C 12 -12.80 -18.67 12.67
C VAL C 12 -13.95 -19.66 12.58
N LYS C 13 -14.31 -20.02 11.35
CA LYS C 13 -15.33 -21.04 11.08
C LYS C 13 -14.70 -22.07 10.15
N SER C 14 -14.50 -23.29 10.66
CA SER C 14 -13.88 -24.34 9.86
C SER C 14 -14.90 -25.46 9.62
N GLY C 15 -14.55 -26.67 9.99
CA GLY C 15 -15.46 -27.82 9.83
C GLY C 15 -14.75 -29.13 10.13
N ASP C 16 -15.43 -30.25 9.89
CA ASP C 16 -14.87 -31.61 10.06
C ASP C 16 -14.33 -32.01 8.69
N TYR C 17 -13.01 -32.17 8.59
CA TYR C 17 -12.34 -32.44 7.30
C TYR C 17 -11.87 -33.90 7.21
N VAL C 18 -12.24 -34.58 6.13
CA VAL C 18 -11.82 -35.95 5.85
C VAL C 18 -10.92 -35.94 4.62
N VAL C 19 -9.84 -36.72 4.68
CA VAL C 19 -8.91 -36.88 3.57
C VAL C 19 -8.58 -38.35 3.43
N TYR C 20 -8.04 -38.73 2.27
CA TYR C 20 -7.81 -40.13 1.94
C TYR C 20 -6.39 -40.32 1.42
N ARG C 21 -5.74 -41.38 1.89
CA ARG C 21 -4.37 -41.65 1.45
C ARG C 21 -4.34 -41.82 -0.06
N GLY C 22 -3.32 -41.23 -0.68
CA GLY C 22 -3.17 -41.29 -2.12
C GLY C 22 -4.03 -40.31 -2.89
N GLU C 23 -4.73 -39.40 -2.21
CA GLU C 23 -5.66 -38.48 -2.85
C GLU C 23 -5.36 -37.05 -2.41
N SER C 24 -5.71 -36.09 -3.28
CA SER C 24 -5.58 -34.68 -2.91
C SER C 24 -6.82 -34.22 -2.17
N PHE C 25 -6.67 -33.10 -1.45
CA PHE C 25 -7.78 -32.53 -0.71
C PHE C 25 -7.65 -31.02 -0.71
N GLU C 26 -8.78 -30.35 -0.48
CA GLU C 26 -8.83 -28.89 -0.48
C GLU C 26 -10.04 -28.46 0.32
N TYR C 27 -9.81 -27.72 1.40
CA TYR C 27 -10.87 -27.19 2.25
C TYR C 27 -10.61 -25.71 2.50
N TYR C 28 -11.68 -24.96 2.76
CA TYR C 28 -11.59 -23.53 3.03
C TYR C 28 -12.22 -23.23 4.38
N ALA C 29 -11.45 -22.60 5.26
CA ALA C 29 -11.96 -22.03 6.49
C ALA C 29 -12.22 -20.54 6.28
N GLU C 30 -13.12 -19.99 7.09
CA GLU C 30 -13.57 -18.61 6.95
C GLU C 30 -13.24 -17.84 8.22
N ILE C 31 -12.66 -16.65 8.04
CA ILE C 31 -12.16 -15.85 9.16
C ILE C 31 -12.71 -14.44 9.05
N THR C 32 -13.16 -13.89 10.18
CA THR C 32 -13.64 -12.52 10.25
C THR C 32 -13.02 -11.84 11.46
N ASP C 33 -13.07 -10.51 11.45
CA ASP C 33 -12.72 -9.72 12.61
C ASP C 33 -13.72 -8.58 12.75
N ASN C 34 -13.94 -8.11 13.99
CA ASN C 34 -14.83 -6.99 14.21
C ASN C 34 -14.33 -5.72 13.51
N SER C 35 -13.02 -5.60 13.31
CA SER C 35 -12.46 -4.46 12.58
C SER C 35 -12.55 -4.62 11.07
N GLY C 36 -12.91 -5.81 10.59
CA GLY C 36 -12.94 -6.08 9.17
C GLY C 36 -11.59 -6.36 8.53
N GLN C 37 -10.51 -6.41 9.31
CA GLN C 37 -9.18 -6.61 8.76
C GLN C 37 -8.42 -7.67 9.56
N VAL C 38 -7.76 -8.58 8.83
CA VAL C 38 -6.90 -9.59 9.41
C VAL C 38 -5.56 -9.52 8.70
N ASN C 39 -4.47 -9.52 9.48
CA ASN C 39 -3.13 -9.40 8.93
C ASN C 39 -2.38 -10.72 8.83
N ASN C 40 -2.77 -11.73 9.60
CA ASN C 40 -2.09 -13.02 9.52
C ASN C 40 -3.06 -14.13 9.90
N VAL C 41 -2.85 -15.29 9.28
CA VAL C 41 -3.52 -16.53 9.66
C VAL C 41 -2.44 -17.61 9.73
N VAL C 42 -2.43 -18.37 10.83
CA VAL C 42 -1.50 -19.47 11.03
C VAL C 42 -2.30 -20.71 11.39
N VAL C 43 -2.02 -21.81 10.71
CA VAL C 43 -2.54 -23.13 11.06
C VAL C 43 -1.42 -23.88 11.76
N ARG C 44 -1.71 -24.43 12.93
CA ARG C 44 -0.62 -24.87 13.79
C ARG C 44 -1.07 -25.96 14.76
N ASN C 45 -0.09 -26.74 15.20
CA ASN C 45 -0.23 -27.52 16.42
C ASN C 45 -0.34 -26.58 17.61
N VAL C 46 -0.92 -27.08 18.71
CA VAL C 46 -1.26 -26.19 19.83
C VAL C 46 0.00 -25.69 20.53
N GLU C 47 1.02 -26.54 20.68
CA GLU C 47 2.25 -26.15 21.36
C GLU C 47 3.28 -25.65 20.35
N LEU C 48 4.11 -24.70 20.81
CA LEU C 48 5.20 -24.21 19.99
C LEU C 48 6.25 -25.31 19.79
N ASP C 49 7.06 -25.13 18.75
CA ASP C 49 8.17 -26.04 18.50
C ASP C 49 9.24 -25.85 19.56
N LYS C 50 9.54 -26.92 20.29
CA LYS C 50 10.51 -26.85 21.38
C LYS C 50 11.85 -26.26 20.94
N LYS C 51 12.31 -26.62 19.73
CA LYS C 51 13.61 -26.14 19.27
C LYS C 51 13.56 -24.67 18.91
N THR C 52 12.56 -24.27 18.11
CA THR C 52 12.52 -22.94 17.54
C THR C 52 11.71 -21.94 18.38
N ASN C 53 10.89 -22.43 19.32
CA ASN C 53 9.94 -21.59 20.03
C ASN C 53 9.03 -20.83 19.07
N MET C 54 8.77 -21.43 17.91
N MET C 54 8.78 -21.43 17.90
CA MET C 54 7.85 -20.86 16.94
CA MET C 54 7.88 -20.90 16.90
C MET C 54 6.83 -21.92 16.55
C MET C 54 6.79 -21.93 16.62
N PRO C 55 5.63 -21.49 16.13
CA PRO C 55 4.60 -22.47 15.76
C PRO C 55 5.04 -23.36 14.61
N TYR C 56 4.49 -24.58 14.58
CA TYR C 56 4.74 -25.51 13.50
C TYR C 56 3.44 -26.24 13.21
N LEU C 57 3.42 -26.99 12.10
CA LEU C 57 2.23 -27.73 11.71
C LEU C 57 2.64 -29.10 11.18
N THR C 58 2.12 -30.14 11.82
CA THR C 58 2.20 -31.50 11.32
C THR C 58 0.79 -32.00 11.05
N PRO C 59 0.62 -32.99 10.16
CA PRO C 59 1.66 -33.63 9.37
C PRO C 59 2.26 -32.68 8.32
N ASP C 60 3.47 -32.96 7.88
CA ASP C 60 4.17 -32.04 6.99
C ASP C 60 3.47 -31.90 5.64
N TRP C 61 2.62 -32.85 5.27
CA TRP C 61 1.93 -32.79 3.98
C TRP C 61 0.67 -31.95 4.05
N LEU C 62 0.28 -31.48 5.24
CA LEU C 62 -0.86 -30.57 5.39
C LEU C 62 -0.34 -29.15 5.20
N LYS C 63 -0.78 -28.50 4.12
CA LYS C 63 -0.36 -27.16 3.75
C LYS C 63 -1.53 -26.18 3.88
N TYR C 64 -1.20 -24.89 3.91
CA TYR C 64 -2.24 -23.88 3.93
C TYR C 64 -1.74 -22.60 3.26
N SER C 65 -2.69 -21.81 2.77
CA SER C 65 -2.38 -20.50 2.21
C SER C 65 -3.59 -19.60 2.36
N THR C 66 -3.34 -18.30 2.50
CA THR C 66 -4.40 -17.30 2.62
C THR C 66 -4.09 -16.14 1.70
N ASP C 67 -4.99 -15.85 0.76
CA ASP C 67 -4.84 -14.69 -0.10
C ASP C 67 -5.37 -13.43 0.57
N ASN C 68 -4.79 -12.29 0.19
CA ASN C 68 -5.32 -10.98 0.55
C ASN C 68 -5.10 -10.63 2.03
N LEU C 69 -4.03 -11.12 2.64
CA LEU C 69 -3.74 -10.75 4.01
C LEU C 69 -3.32 -9.28 4.10
N GLY C 70 -3.67 -8.67 5.22
CA GLY C 70 -3.19 -7.33 5.52
C GLY C 70 -3.84 -6.20 4.77
N GLN C 71 -5.10 -6.37 4.35
CA GLN C 71 -5.81 -5.34 3.60
C GLN C 71 -7.08 -4.93 4.33
N PRO C 72 -7.37 -3.64 4.45
CA PRO C 72 -8.64 -3.23 5.09
C PRO C 72 -9.81 -3.92 4.41
N GLY C 73 -10.77 -4.34 5.23
CA GLY C 73 -12.00 -4.93 4.71
C GLY C 73 -11.85 -6.32 4.15
N ASN C 74 -10.76 -7.01 4.46
CA ASN C 74 -10.53 -8.35 3.93
C ASN C 74 -11.16 -9.45 4.77
N ALA C 75 -11.83 -9.11 5.88
CA ALA C 75 -12.32 -10.11 6.82
C ALA C 75 -13.66 -9.65 7.43
N THR C 76 -14.62 -9.36 6.55
CA THR C 76 -15.95 -8.91 6.94
C THR C 76 -16.95 -10.06 6.76
N VAL C 77 -18.19 -9.80 7.18
CA VAL C 77 -19.24 -10.80 6.99
C VAL C 77 -19.46 -11.06 5.51
N GLU C 78 -19.58 -9.99 4.73
CA GLU C 78 -19.87 -10.12 3.30
C GLU C 78 -18.65 -10.53 2.50
N ASN C 79 -17.45 -10.35 3.04
CA ASN C 79 -16.21 -10.75 2.38
C ASN C 79 -15.29 -11.39 3.41
N PRO C 80 -15.65 -12.57 3.91
CA PRO C 80 -14.80 -13.23 4.90
C PRO C 80 -13.47 -13.63 4.29
N LEU C 81 -12.44 -13.62 5.14
CA LEU C 81 -11.14 -14.11 4.72
C LEU C 81 -11.19 -15.63 4.59
N ARG C 82 -10.58 -16.17 3.54
CA ARG C 82 -10.62 -17.60 3.26
C ARG C 82 -9.21 -18.17 3.35
N THR C 83 -9.03 -19.16 4.24
CA THR C 83 -7.78 -19.86 4.40
C THR C 83 -7.95 -21.26 3.80
N LYS C 84 -7.12 -21.59 2.82
CA LYS C 84 -7.19 -22.87 2.15
C LYS C 84 -6.30 -23.87 2.86
N LEU C 85 -6.88 -25.02 3.25
CA LEU C 85 -6.14 -26.15 3.76
C LEU C 85 -6.10 -27.22 2.68
N TYR C 86 -4.90 -27.69 2.32
CA TYR C 86 -4.75 -28.53 1.14
C TYR C 86 -3.53 -29.42 1.26
N GLY C 87 -3.44 -30.37 0.34
CA GLY C 87 -2.27 -31.22 0.24
C GLY C 87 -2.59 -32.47 -0.54
N ASN C 88 -1.58 -33.32 -0.65
CA ASN C 88 -1.70 -34.66 -1.21
C ASN C 88 -1.32 -35.63 -0.10
N VAL C 89 -2.26 -36.50 0.28
CA VAL C 89 -2.01 -37.43 1.38
C VAL C 89 -1.08 -38.53 0.88
N PRO C 90 0.08 -38.75 1.51
CA PRO C 90 0.98 -39.81 1.04
C PRO C 90 0.36 -41.19 1.20
N LEU C 91 0.77 -42.11 0.33
CA LEU C 91 0.25 -43.47 0.38
C LEU C 91 0.66 -44.19 1.66
N ASP C 92 1.83 -43.86 2.20
CA ASP C 92 2.40 -44.61 3.30
C ASP C 92 2.20 -43.96 4.67
N THR C 93 1.53 -42.81 4.74
CA THR C 93 1.23 -42.22 6.03
C THR C 93 0.24 -43.08 6.79
N VAL C 94 0.20 -42.91 8.10
CA VAL C 94 -0.75 -43.67 8.91
C VAL C 94 -2.15 -43.10 8.74
N VAL C 95 -3.14 -43.91 9.08
CA VAL C 95 -4.52 -43.45 9.15
C VAL C 95 -4.82 -43.10 10.60
N GLY C 96 -5.61 -42.07 10.80
CA GLY C 96 -5.87 -41.56 12.12
C GLY C 96 -6.37 -40.14 12.05
N ILE C 97 -6.46 -39.52 13.23
CA ILE C 97 -7.06 -38.20 13.40
C ILE C 97 -6.00 -37.23 13.89
N TYR C 98 -6.10 -35.99 13.40
CA TYR C 98 -5.26 -34.89 13.84
C TYR C 98 -6.17 -33.73 14.22
N THR C 99 -5.91 -33.12 15.37
CA THR C 99 -6.66 -31.96 15.84
C THR C 99 -5.73 -30.76 15.82
N ARG C 100 -6.09 -29.73 15.05
CA ARG C 100 -5.22 -28.58 14.86
C ARG C 100 -6.03 -27.31 15.00
N TYR C 101 -5.35 -26.17 14.90
CA TYR C 101 -5.93 -24.88 15.22
C TYR C 101 -5.59 -23.85 14.15
N ILE C 102 -6.56 -22.97 13.89
CA ILE C 102 -6.43 -21.87 12.94
C ILE C 102 -6.49 -20.59 13.76
N VAL C 103 -5.40 -19.84 13.81
CA VAL C 103 -5.31 -18.64 14.64
C VAL C 103 -5.01 -17.44 13.75
N ALA C 104 -5.85 -16.42 13.83
CA ALA C 104 -5.71 -15.22 13.02
C ALA C 104 -5.44 -14.02 13.90
N THR C 105 -4.78 -13.01 13.32
CA THR C 105 -4.34 -11.83 14.05
C THR C 105 -4.84 -10.58 13.33
N ASP C 106 -5.42 -9.64 14.08
CA ASP C 106 -5.93 -8.39 13.55
C ASP C 106 -4.88 -7.29 13.70
N PRO C 107 -5.14 -6.11 13.14
CA PRO C 107 -4.12 -5.04 13.22
C PRO C 107 -3.79 -4.61 14.65
N ALA C 108 -4.70 -4.78 15.60
CA ALA C 108 -4.41 -4.45 16.99
C ALA C 108 -3.62 -5.53 17.70
N ASN C 109 -3.22 -6.59 16.99
CA ASN C 109 -2.41 -7.68 17.52
C ASN C 109 -3.19 -8.61 18.44
N ASN C 110 -4.52 -8.63 18.32
CA ASN C 110 -5.33 -9.65 18.97
C ASN C 110 -5.29 -10.91 18.13
N THR C 111 -4.98 -12.05 18.75
CA THR C 111 -4.89 -13.32 18.04
C THR C 111 -5.88 -14.31 18.63
N THR C 112 -6.50 -15.10 17.76
CA THR C 112 -7.45 -16.12 18.19
C THR C 112 -6.83 -17.02 19.24
N ARG C 113 -7.56 -17.24 20.33
CA ARG C 113 -7.09 -18.12 21.39
C ARG C 113 -7.33 -19.57 21.03
N MET C 114 -6.36 -20.42 21.35
CA MET C 114 -6.50 -21.86 21.19
C MET C 114 -7.05 -22.45 22.49
N ILE C 115 -8.20 -23.11 22.38
CA ILE C 115 -8.86 -23.74 23.52
C ILE C 115 -9.00 -25.22 23.20
N GLN C 116 -8.38 -26.06 24.02
CA GLN C 116 -8.32 -27.50 23.75
C GLN C 116 -9.59 -28.15 24.29
N ASN C 117 -10.67 -27.96 23.54
CA ASN C 117 -11.99 -28.42 23.96
C ASN C 117 -12.78 -28.80 22.72
N PRO C 118 -13.37 -30.01 22.66
CA PRO C 118 -14.21 -30.36 21.51
C PRO C 118 -15.34 -29.38 21.24
N ASN C 119 -15.74 -28.56 22.22
CA ASN C 119 -16.80 -27.61 21.92
C ASN C 119 -16.33 -26.49 21.00
N ARG C 120 -15.05 -26.50 20.62
CA ARG C 120 -14.49 -25.52 19.66
C ARG C 120 -14.36 -26.16 18.26
N ASP C 121 -14.64 -27.46 18.11
CA ASP C 121 -14.55 -28.19 16.82
C ASP C 121 -15.43 -27.48 15.78
N GLY C 122 -14.90 -27.17 14.59
CA GLY C 122 -15.63 -26.46 13.52
C GLY C 122 -15.49 -24.95 13.61
N LEU C 123 -14.76 -24.44 14.62
CA LEU C 123 -14.54 -23.00 14.83
C LEU C 123 -13.02 -22.82 14.59
N GLU C 124 -12.17 -22.29 15.51
CA GLU C 124 -10.71 -22.18 15.30
C GLU C 124 -10.03 -23.54 15.48
N ARG C 125 -10.71 -24.53 16.08
CA ARG C 125 -10.20 -25.91 16.25
C ARG C 125 -10.88 -26.82 15.22
N PHE C 126 -10.13 -27.67 14.53
CA PHE C 126 -10.71 -28.60 13.57
C PHE C 126 -10.08 -29.98 13.71
N VAL C 127 -10.86 -30.97 13.33
CA VAL C 127 -10.46 -32.37 13.37
C VAL C 127 -10.26 -32.83 11.94
N LEU C 128 -9.06 -33.31 11.64
CA LEU C 128 -8.71 -33.85 10.33
C LEU C 128 -8.65 -35.35 10.44
N THR C 129 -9.51 -36.05 9.70
CA THR C 129 -9.55 -37.50 9.70
C THR C 129 -8.88 -38.03 8.45
N VAL C 130 -7.84 -38.83 8.61
CA VAL C 130 -7.17 -39.46 7.49
C VAL C 130 -7.65 -40.90 7.41
N LYS C 131 -8.30 -41.23 6.30
CA LYS C 131 -8.83 -42.56 6.05
C LYS C 131 -8.02 -43.27 4.98
N SER C 132 -8.14 -44.59 4.98
CA SER C 132 -7.52 -45.39 3.93
C SER C 132 -8.20 -45.11 2.59
N GLN C 133 -7.44 -45.34 1.52
CA GLN C 133 -7.90 -45.01 0.18
C GLN C 133 -9.16 -45.78 -0.20
N ASN C 134 -9.31 -47.01 0.31
CA ASN C 134 -10.48 -47.79 -0.04
C ASN C 134 -11.78 -47.08 0.36
N GLU C 135 -11.75 -46.25 1.40
CA GLU C 135 -12.97 -45.60 1.87
C GLU C 135 -13.49 -44.54 0.91
N LYS C 136 -12.69 -44.11 -0.08
CA LYS C 136 -13.16 -43.14 -1.06
C LYS C 136 -13.94 -43.79 -2.20
N TYR C 137 -13.84 -45.10 -2.37
CA TYR C 137 -14.37 -45.79 -3.53
C TYR C 137 -15.37 -46.86 -3.10
N ASP C 138 -16.31 -47.14 -3.99
CA ASP C 138 -17.36 -48.13 -3.74
C ASP C 138 -17.46 -48.97 -5.01
N PRO C 139 -16.71 -50.06 -5.11
CA PRO C 139 -16.63 -50.80 -6.36
C PRO C 139 -18.00 -51.31 -6.82
N ALA C 140 -18.22 -51.25 -8.12
CA ALA C 140 -19.41 -51.77 -8.75
C ALA C 140 -19.19 -53.20 -9.23
N ASP C 141 -20.28 -53.97 -9.23
CA ASP C 141 -20.23 -55.34 -9.71
C ASP C 141 -19.89 -55.37 -11.20
N PRO C 142 -19.08 -56.33 -11.64
CA PRO C 142 -18.81 -56.48 -13.07
C PRO C 142 -19.88 -57.30 -13.77
N SER C 143 -19.88 -57.21 -15.10
N SER C 143 -19.87 -57.21 -15.10
CA SER C 143 -20.63 -58.17 -15.90
CA SER C 143 -20.59 -58.17 -15.93
C SER C 143 -20.04 -59.55 -15.68
C SER C 143 -20.03 -59.55 -15.66
N VAL C 144 -20.90 -60.53 -15.39
CA VAL C 144 -20.44 -61.82 -14.92
C VAL C 144 -19.55 -62.51 -15.96
N THR C 145 -18.57 -63.25 -15.46
CA THR C 145 -17.72 -64.11 -16.27
C THR C 145 -18.17 -65.56 -16.09
N TYR C 146 -18.39 -66.24 -17.21
CA TYR C 146 -18.80 -67.63 -17.16
C TYR C 146 -17.58 -68.53 -16.98
N VAL C 147 -17.65 -69.44 -16.02
CA VAL C 147 -16.53 -70.30 -15.66
C VAL C 147 -16.99 -71.75 -15.68
N ASN C 148 -16.04 -72.66 -15.89
CA ASN C 148 -16.42 -74.07 -15.90
C ASN C 148 -16.80 -74.54 -14.50
N ASN C 149 -16.02 -74.14 -13.50
CA ASN C 149 -16.15 -74.69 -12.14
C ASN C 149 -16.04 -73.54 -11.16
N LEU C 150 -17.14 -73.25 -10.45
CA LEU C 150 -17.16 -72.13 -9.51
C LEU C 150 -16.21 -72.32 -8.34
N SER C 151 -15.72 -73.54 -8.08
CA SER C 151 -14.80 -73.77 -6.99
C SER C 151 -13.35 -73.83 -7.45
N ASN C 152 -13.09 -73.74 -8.76
CA ASN C 152 -11.75 -73.95 -9.29
C ASN C 152 -11.58 -73.20 -10.62
N LEU C 153 -11.42 -71.89 -10.55
CA LEU C 153 -11.28 -71.09 -11.77
C LEU C 153 -9.91 -71.30 -12.38
N SER C 154 -9.87 -71.30 -13.71
CA SER C 154 -8.61 -71.32 -14.43
C SER C 154 -7.96 -69.94 -14.42
N THR C 155 -6.68 -69.89 -14.81
CA THR C 155 -5.98 -68.62 -14.91
C THR C 155 -6.67 -67.67 -15.88
N SER C 156 -7.08 -68.18 -17.04
CA SER C 156 -7.71 -67.31 -18.02
C SER C 156 -9.07 -66.80 -17.54
N GLU C 157 -9.78 -67.61 -16.75
CA GLU C 157 -11.04 -67.15 -16.19
C GLU C 157 -10.79 -66.07 -15.14
N ARG C 158 -9.77 -66.25 -14.30
CA ARG C 158 -9.43 -65.21 -13.33
C ARG C 158 -9.02 -63.92 -14.03
N ASP C 159 -8.22 -64.04 -15.10
CA ASP C 159 -7.85 -62.87 -15.90
C ASP C 159 -9.08 -62.14 -16.43
N ALA C 160 -10.06 -62.90 -16.92
CA ALA C 160 -11.26 -62.30 -17.50
C ALA C 160 -12.09 -61.59 -16.44
N VAL C 161 -12.17 -62.16 -15.24
CA VAL C 161 -12.87 -61.50 -14.15
C VAL C 161 -12.21 -60.17 -13.82
N ALA C 162 -10.88 -60.16 -13.76
CA ALA C 162 -10.17 -58.93 -13.40
C ALA C 162 -10.42 -57.85 -14.44
N ALA C 163 -10.43 -58.22 -15.72
CA ALA C 163 -10.68 -57.28 -16.83
C ALA C 163 -12.09 -56.70 -16.67
N ALA C 164 -13.07 -57.57 -16.41
CA ALA C 164 -14.49 -57.17 -16.25
C ALA C 164 -14.64 -56.20 -15.07
N VAL C 165 -13.92 -56.43 -13.98
CA VAL C 165 -13.98 -55.55 -12.77
C VAL C 165 -13.45 -54.17 -13.16
N ARG C 166 -12.35 -54.10 -13.90
CA ARG C 166 -11.76 -52.80 -14.32
C ARG C 166 -12.72 -52.10 -15.29
N ALA C 167 -13.34 -52.84 -16.21
CA ALA C 167 -14.29 -52.28 -17.19
C ALA C 167 -15.49 -51.64 -16.48
N ALA C 168 -15.96 -52.23 -15.38
CA ALA C 168 -17.14 -51.75 -14.63
C ALA C 168 -16.78 -50.66 -13.61
N ASN C 169 -15.48 -50.44 -13.36
CA ASN C 169 -15.00 -49.48 -12.34
C ASN C 169 -13.94 -48.54 -12.93
N PRO C 170 -14.30 -47.72 -13.93
CA PRO C 170 -13.32 -46.76 -14.48
C PRO C 170 -12.82 -45.73 -13.47
N SER C 171 -13.55 -45.53 -12.37
CA SER C 171 -13.15 -44.55 -11.37
C SER C 171 -12.06 -45.04 -10.41
N LEU C 172 -11.74 -46.33 -10.42
CA LEU C 172 -10.74 -46.83 -9.49
C LEU C 172 -9.36 -46.29 -9.85
N PRO C 173 -8.51 -46.01 -8.86
CA PRO C 173 -7.15 -45.54 -9.16
C PRO C 173 -6.48 -46.45 -10.18
N SER C 174 -5.77 -45.82 -11.13
CA SER C 174 -5.17 -46.58 -12.22
C SER C 174 -4.18 -47.63 -11.71
N ALA C 175 -3.52 -47.36 -10.59
CA ALA C 175 -2.51 -48.26 -10.04
C ALA C 175 -3.09 -49.30 -9.10
N ALA C 176 -4.41 -49.30 -8.87
CA ALA C 176 -5.01 -50.36 -8.07
C ALA C 176 -4.82 -51.70 -8.74
N LYS C 177 -4.56 -52.73 -7.94
CA LYS C 177 -4.37 -54.09 -8.42
C LYS C 177 -5.63 -54.91 -8.16
N ILE C 178 -6.15 -55.53 -9.21
CA ILE C 178 -7.33 -56.38 -9.12
C ILE C 178 -6.86 -57.82 -9.21
N THR C 179 -7.07 -58.59 -8.15
CA THR C 179 -6.76 -60.01 -8.14
C THR C 179 -8.02 -60.83 -7.89
N VAL C 180 -8.02 -62.05 -8.38
CA VAL C 180 -9.16 -62.96 -8.34
C VAL C 180 -8.69 -64.29 -7.80
N SER C 181 -9.43 -64.82 -6.82
CA SER C 181 -9.06 -66.07 -6.16
C SER C 181 -9.59 -67.28 -6.92
N GLN C 182 -9.32 -68.45 -6.36
CA GLN C 182 -9.69 -69.72 -6.98
C GLN C 182 -11.20 -69.90 -7.11
N ASN C 183 -12.00 -69.18 -6.33
CA ASN C 183 -13.44 -69.28 -6.43
C ASN C 183 -14.08 -68.00 -6.96
N GLY C 184 -13.29 -67.12 -7.57
CA GLY C 184 -13.81 -65.94 -8.21
C GLY C 184 -13.96 -64.73 -7.31
N THR C 185 -13.59 -64.84 -6.04
CA THR C 185 -13.65 -63.68 -5.15
C THR C 185 -12.65 -62.64 -5.62
N VAL C 186 -13.10 -61.38 -5.68
CA VAL C 186 -12.30 -60.29 -6.21
C VAL C 186 -11.74 -59.49 -5.04
N THR C 187 -10.45 -59.20 -5.09
CA THR C 187 -9.80 -58.27 -4.17
C THR C 187 -9.26 -57.09 -4.98
N ILE C 188 -9.63 -55.89 -4.57
CA ILE C 188 -9.09 -54.67 -5.13
C ILE C 188 -8.12 -54.13 -4.10
N THR C 189 -6.84 -54.09 -4.43
CA THR C 189 -5.81 -53.54 -3.56
C THR C 189 -5.46 -52.16 -4.08
N TYR C 190 -5.76 -51.14 -3.28
CA TYR C 190 -5.52 -49.77 -3.68
C TYR C 190 -4.04 -49.42 -3.53
N PRO C 191 -3.60 -48.34 -4.16
CA PRO C 191 -2.18 -47.95 -4.05
C PRO C 191 -1.68 -47.83 -2.61
N ASP C 192 -2.53 -47.51 -1.65
CA ASP C 192 -2.10 -47.43 -0.25
C ASP C 192 -2.18 -48.77 0.46
N ARG C 193 -2.45 -49.85 -0.27
CA ARG C 193 -2.47 -51.25 0.19
C ARG C 193 -3.70 -51.59 1.03
N SER C 194 -4.66 -50.68 1.19
CA SER C 194 -5.97 -51.08 1.69
C SER C 194 -6.73 -51.80 0.57
N THR C 195 -7.80 -52.52 0.97
CA THR C 195 -8.50 -53.40 0.04
C THR C 195 -10.01 -53.24 0.12
N ASP C 196 -10.67 -53.56 -0.99
CA ASP C 196 -12.10 -53.83 -1.06
C ASP C 196 -12.28 -55.22 -1.69
N THR C 197 -13.47 -55.79 -1.49
CA THR C 197 -13.75 -57.12 -2.00
C THR C 197 -15.10 -57.14 -2.70
N ILE C 198 -15.21 -57.97 -3.73
CA ILE C 198 -16.48 -58.23 -4.40
C ILE C 198 -16.74 -59.73 -4.27
N PRO C 199 -17.88 -60.15 -3.72
CA PRO C 199 -18.12 -61.59 -3.55
C PRO C 199 -18.29 -62.30 -4.88
N ALA C 200 -17.90 -63.58 -4.88
CA ALA C 200 -17.90 -64.35 -6.11
C ALA C 200 -19.28 -64.44 -6.74
N ASN C 201 -20.34 -64.50 -5.94
CA ASN C 201 -21.65 -64.73 -6.53
C ASN C 201 -22.17 -63.52 -7.29
N ARG C 202 -21.48 -62.38 -7.25
CA ARG C 202 -21.81 -61.25 -8.11
C ARG C 202 -20.89 -61.18 -9.33
N VAL C 203 -19.93 -62.11 -9.45
CA VAL C 203 -18.79 -61.95 -10.33
C VAL C 203 -18.68 -63.08 -11.36
N VAL C 204 -18.98 -64.31 -10.94
CA VAL C 204 -18.84 -65.48 -11.79
C VAL C 204 -20.13 -66.27 -11.78
N LYS C 205 -20.35 -67.03 -12.85
CA LYS C 205 -21.53 -67.91 -13.03
C LYS C 205 -21.07 -69.22 -13.66
N ASP C 206 -21.55 -70.36 -13.17
CA ASP C 206 -21.20 -71.69 -13.74
C ASP C 206 -21.75 -71.71 -15.17
N LEU C 207 -20.98 -72.23 -16.14
CA LEU C 207 -21.37 -72.23 -17.58
C LEU C 207 -22.58 -73.12 -17.82
N GLN C 208 -22.64 -74.24 -17.10
CA GLN C 208 -23.71 -75.27 -17.20
C GLN C 208 -24.02 -75.81 -15.80
N ASN D 5 22.22 1.71 -1.17
CA ASN D 5 20.81 1.77 -1.63
C ASN D 5 20.57 0.66 -2.65
N ASP D 6 19.36 0.10 -2.67
CA ASP D 6 18.96 -0.98 -3.56
C ASP D 6 18.26 -0.39 -4.77
N THR D 7 18.90 -0.48 -5.94
CA THR D 7 18.32 0.00 -7.20
C THR D 7 18.19 -1.14 -8.21
N GLU D 8 18.13 -2.38 -7.74
CA GLU D 8 18.12 -3.55 -8.60
C GLU D 8 16.84 -4.34 -8.34
N ALA D 9 16.03 -4.49 -9.37
CA ALA D 9 14.76 -5.18 -9.21
C ALA D 9 14.98 -6.67 -9.03
N PRO D 10 14.03 -7.38 -8.41
CA PRO D 10 14.14 -8.83 -8.33
C PRO D 10 14.12 -9.47 -9.70
N GLN D 11 14.70 -10.67 -9.78
CA GLN D 11 14.79 -11.41 -11.02
C GLN D 11 14.04 -12.73 -10.87
N VAL D 12 13.51 -13.20 -12.00
CA VAL D 12 12.62 -14.39 -12.00
C VAL D 12 13.17 -15.45 -12.97
N LYS D 13 13.07 -16.73 -12.60
CA LYS D 13 13.43 -17.88 -13.46
C LYS D 13 12.17 -18.74 -13.51
N SER D 14 11.49 -18.83 -14.66
CA SER D 14 10.23 -19.59 -14.77
C SER D 14 10.44 -20.79 -15.71
N GLY D 15 9.90 -20.86 -16.92
CA GLY D 15 10.00 -22.05 -17.77
C GLY D 15 8.88 -22.06 -18.76
N ASP D 16 8.78 -23.15 -19.52
CA ASP D 16 7.74 -23.41 -20.55
C ASP D 16 6.72 -24.31 -19.88
N TYR D 17 5.48 -23.84 -19.72
CA TYR D 17 4.45 -24.53 -18.95
C TYR D 17 3.34 -25.05 -19.88
N VAL D 18 3.02 -26.34 -19.74
CA VAL D 18 1.94 -26.96 -20.48
C VAL D 18 0.89 -27.44 -19.48
N VAL D 19 -0.38 -27.24 -19.83
CA VAL D 19 -1.50 -27.73 -19.03
C VAL D 19 -2.52 -28.36 -19.98
N TYR D 20 -3.44 -29.14 -19.40
CA TYR D 20 -4.40 -29.90 -20.19
C TYR D 20 -5.80 -29.69 -19.65
N ARG D 21 -6.77 -29.51 -20.54
CA ARG D 21 -8.14 -29.32 -20.13
C ARG D 21 -8.61 -30.53 -19.32
N GLY D 22 -9.37 -30.26 -18.27
CA GLY D 22 -9.85 -31.30 -17.39
C GLY D 22 -8.85 -31.82 -16.39
N GLU D 23 -7.65 -31.21 -16.33
CA GLU D 23 -6.59 -31.70 -15.47
C GLU D 23 -6.06 -30.56 -14.61
N SER D 24 -5.47 -30.91 -13.47
CA SER D 24 -4.85 -29.93 -12.61
C SER D 24 -3.38 -29.77 -12.98
N PHE D 25 -2.80 -28.63 -12.59
CA PHE D 25 -1.40 -28.36 -12.87
C PHE D 25 -0.78 -27.62 -11.69
N GLU D 26 0.55 -27.67 -11.64
CA GLU D 26 1.31 -27.03 -10.56
C GLU D 26 2.74 -26.82 -11.03
N TYR D 27 3.17 -25.55 -11.09
CA TYR D 27 4.53 -25.20 -11.48
C TYR D 27 5.09 -24.19 -10.49
N TYR D 28 6.41 -24.17 -10.35
CA TYR D 28 7.09 -23.29 -9.41
C TYR D 28 8.10 -22.41 -10.14
N ALA D 29 7.93 -21.11 -10.03
CA ALA D 29 8.93 -20.14 -10.48
C ALA D 29 9.83 -19.75 -9.31
N GLU D 30 11.03 -19.28 -9.65
CA GLU D 30 12.07 -19.00 -8.67
C GLU D 30 12.45 -17.52 -8.77
N ILE D 31 12.41 -16.83 -7.64
CA ILE D 31 12.62 -15.39 -7.60
C ILE D 31 13.77 -15.07 -6.65
N THR D 32 14.65 -14.16 -7.08
CA THR D 32 15.78 -13.73 -6.29
C THR D 32 15.86 -12.21 -6.29
N ASP D 33 16.52 -11.67 -5.26
CA ASP D 33 16.83 -10.25 -5.22
C ASP D 33 18.21 -10.05 -4.61
N ASN D 34 18.89 -8.97 -5.03
CA ASN D 34 20.22 -8.70 -4.51
C ASN D 34 20.20 -8.42 -3.01
N SER D 35 19.10 -7.89 -2.49
CA SER D 35 18.95 -7.69 -1.06
C SER D 35 18.62 -8.95 -0.29
N GLY D 36 18.28 -10.04 -0.98
CA GLY D 36 17.87 -11.27 -0.33
C GLY D 36 16.43 -11.32 0.13
N GLN D 37 15.65 -10.27 -0.11
CA GLN D 37 14.29 -10.18 0.39
C GLN D 37 13.34 -9.71 -0.69
N VAL D 38 12.20 -10.38 -0.79
CA VAL D 38 11.10 -10.00 -1.68
C VAL D 38 9.84 -9.88 -0.85
N ASN D 39 9.09 -8.79 -1.06
CA ASN D 39 7.88 -8.52 -0.29
C ASN D 39 6.60 -8.84 -1.03
N ASN D 40 6.63 -8.90 -2.36
CA ASN D 40 5.42 -9.19 -3.12
C ASN D 40 5.81 -9.88 -4.42
N VAL D 41 4.93 -10.78 -4.86
CA VAL D 41 5.01 -11.38 -6.19
C VAL D 41 3.61 -11.39 -6.77
N VAL D 42 3.47 -10.90 -8.00
N VAL D 42 3.47 -10.90 -8.00
CA VAL D 42 2.18 -10.89 -8.69
CA VAL D 42 2.19 -10.87 -8.70
C VAL D 42 2.38 -11.45 -10.09
C VAL D 42 2.39 -11.46 -10.09
N VAL D 43 1.48 -12.34 -10.50
CA VAL D 43 1.44 -12.85 -11.86
C VAL D 43 0.30 -12.10 -12.56
N ARG D 44 0.57 -11.57 -13.75
CA ARG D 44 -0.37 -10.62 -14.33
C ARG D 44 -0.27 -10.59 -15.84
N ASN D 45 -1.36 -10.18 -16.48
CA ASN D 45 -1.31 -9.69 -17.84
C ASN D 45 -0.49 -8.40 -17.88
N VAL D 46 0.13 -8.12 -19.03
CA VAL D 46 0.96 -6.93 -19.12
C VAL D 46 0.08 -5.69 -19.16
N GLU D 47 -1.03 -5.73 -19.89
CA GLU D 47 -1.92 -4.58 -20.00
C GLU D 47 -2.75 -4.41 -18.74
N LEU D 48 -2.81 -3.20 -18.22
CA LEU D 48 -3.77 -2.89 -17.18
C LEU D 48 -5.18 -3.05 -17.73
N ASP D 49 -6.13 -3.26 -16.82
CA ASP D 49 -7.53 -3.33 -17.22
C ASP D 49 -8.04 -1.92 -17.54
N LYS D 50 -8.68 -1.78 -18.69
CA LYS D 50 -9.09 -0.45 -19.16
C LYS D 50 -9.88 0.30 -18.09
N LYS D 51 -10.97 -0.30 -17.61
CA LYS D 51 -11.86 0.38 -16.68
C LYS D 51 -11.22 0.51 -15.31
N THR D 52 -11.05 -0.60 -14.60
CA THR D 52 -10.49 -0.55 -13.25
C THR D 52 -9.11 0.12 -13.27
N ASN D 53 -8.38 0.01 -14.37
CA ASN D 53 -7.03 0.56 -14.47
C ASN D 53 -6.13 -0.03 -13.39
N MET D 54 -6.30 -1.32 -13.13
CA MET D 54 -5.48 -2.07 -12.19
C MET D 54 -5.04 -3.35 -12.85
N PRO D 55 -3.94 -3.94 -12.37
CA PRO D 55 -3.50 -5.23 -12.94
C PRO D 55 -4.53 -6.32 -12.75
N TYR D 56 -4.43 -7.34 -13.60
CA TYR D 56 -5.30 -8.51 -13.49
C TYR D 56 -4.59 -9.68 -14.15
N LEU D 57 -5.17 -10.87 -13.98
CA LEU D 57 -4.61 -12.08 -14.57
C LEU D 57 -5.73 -12.91 -15.17
N THR D 58 -5.66 -13.13 -16.47
CA THR D 58 -6.47 -14.13 -17.12
C THR D 58 -5.57 -15.25 -17.65
N PRO D 59 -6.10 -16.47 -17.80
CA PRO D 59 -7.47 -16.91 -17.50
C PRO D 59 -7.78 -16.91 -16.01
N ASP D 60 -9.08 -16.78 -15.69
CA ASP D 60 -9.49 -16.74 -14.29
C ASP D 60 -9.11 -18.00 -13.53
N TRP D 61 -8.93 -19.13 -14.24
CA TRP D 61 -8.59 -20.38 -13.56
C TRP D 61 -7.10 -20.52 -13.28
N LEU D 62 -6.26 -19.60 -13.77
CA LEU D 62 -4.83 -19.60 -13.46
C LEU D 62 -4.62 -18.86 -12.15
N LYS D 63 -4.14 -19.58 -11.13
CA LYS D 63 -3.96 -19.06 -9.79
C LYS D 63 -2.49 -19.05 -9.42
N TYR D 64 -2.15 -18.31 -8.37
CA TYR D 64 -0.78 -18.31 -7.90
C TYR D 64 -0.75 -18.01 -6.41
N SER D 65 0.33 -18.45 -5.76
N SER D 65 0.33 -18.46 -5.77
CA SER D 65 0.52 -18.20 -4.35
CA SER D 65 0.54 -18.24 -4.35
C SER D 65 2.01 -18.28 -4.04
C SER D 65 2.03 -18.25 -4.07
N THR D 66 2.44 -17.48 -3.07
CA THR D 66 3.84 -17.42 -2.65
C THR D 66 3.90 -17.44 -1.13
N ASP D 67 4.56 -18.46 -0.58
CA ASP D 67 4.75 -18.56 0.86
C ASP D 67 5.95 -17.72 1.30
N ASN D 68 5.86 -17.22 2.53
CA ASN D 68 7.01 -16.61 3.21
C ASN D 68 7.38 -15.25 2.63
N LEU D 69 6.40 -14.49 2.17
CA LEU D 69 6.66 -13.15 1.65
C LEU D 69 7.04 -12.20 2.77
N GLY D 70 7.86 -11.20 2.42
CA GLY D 70 8.19 -10.13 3.33
C GLY D 70 9.11 -10.51 4.47
N GLN D 71 9.96 -11.53 4.28
CA GLN D 71 10.87 -11.96 5.32
C GLN D 71 12.32 -11.85 4.83
N PRO D 72 13.23 -11.33 5.66
CA PRO D 72 14.63 -11.24 5.22
C PRO D 72 15.19 -12.60 4.83
N GLY D 73 16.05 -12.60 3.82
CA GLY D 73 16.68 -13.83 3.36
C GLY D 73 15.74 -14.81 2.69
N ASN D 74 14.53 -14.38 2.34
CA ASN D 74 13.56 -15.29 1.73
C ASN D 74 13.74 -15.44 0.22
N ALA D 75 14.67 -14.70 -0.38
CA ALA D 75 14.84 -14.71 -1.83
C ALA D 75 16.30 -14.49 -2.20
N THR D 76 17.19 -15.35 -1.72
CA THR D 76 18.60 -15.26 -2.06
C THR D 76 18.88 -16.08 -3.32
N VAL D 77 19.96 -15.74 -4.00
CA VAL D 77 20.37 -16.52 -5.16
C VAL D 77 20.62 -17.96 -4.75
N GLU D 78 21.05 -18.19 -3.50
CA GLU D 78 21.31 -19.54 -3.03
C GLU D 78 20.01 -20.29 -2.74
N ASN D 79 19.01 -19.61 -2.18
CA ASN D 79 17.73 -20.21 -1.81
C ASN D 79 16.59 -19.32 -2.29
N PRO D 80 16.24 -19.41 -3.57
CA PRO D 80 15.25 -18.48 -4.12
C PRO D 80 13.87 -18.62 -3.49
N LEU D 81 13.08 -17.57 -3.65
CA LEU D 81 11.68 -17.58 -3.27
C LEU D 81 10.88 -18.33 -4.34
N ARG D 82 10.01 -19.23 -3.92
CA ARG D 82 9.23 -20.05 -4.83
C ARG D 82 7.82 -19.49 -4.95
N THR D 83 7.38 -19.22 -6.18
CA THR D 83 6.01 -18.84 -6.49
C THR D 83 5.33 -19.99 -7.21
N LYS D 84 4.19 -20.43 -6.68
CA LYS D 84 3.46 -21.55 -7.27
C LYS D 84 2.41 -21.02 -8.23
N LEU D 85 2.41 -21.54 -9.45
CA LEU D 85 1.36 -21.30 -10.42
C LEU D 85 0.57 -22.60 -10.55
N TYR D 86 -0.76 -22.52 -10.38
CA TYR D 86 -1.55 -23.73 -10.25
C TYR D 86 -2.98 -23.46 -10.69
N GLY D 87 -3.73 -24.55 -10.85
CA GLY D 87 -5.14 -24.44 -11.16
C GLY D 87 -5.69 -25.75 -11.67
N ASN D 88 -7.00 -25.72 -11.95
CA ASN D 88 -7.71 -26.80 -12.61
C ASN D 88 -8.21 -26.26 -13.93
N VAL D 89 -7.75 -26.84 -15.04
CA VAL D 89 -8.12 -26.33 -16.35
C VAL D 89 -9.55 -26.76 -16.67
N PRO D 90 -10.47 -25.84 -16.95
CA PRO D 90 -11.85 -26.25 -17.24
C PRO D 90 -11.95 -27.07 -18.52
N LEU D 91 -12.95 -27.95 -18.56
CA LEU D 91 -13.15 -28.78 -19.74
C LEU D 91 -13.52 -27.95 -20.96
N ASP D 92 -14.19 -26.83 -20.74
CA ASP D 92 -14.81 -26.05 -21.81
C ASP D 92 -13.98 -24.85 -22.24
N THR D 93 -12.84 -24.58 -21.59
CA THR D 93 -12.01 -23.47 -22.01
C THR D 93 -11.41 -23.76 -23.38
N VAL D 94 -10.96 -22.71 -24.07
CA VAL D 94 -10.35 -22.92 -25.37
C VAL D 94 -8.94 -23.47 -25.20
N VAL D 95 -8.41 -24.06 -26.26
CA VAL D 95 -7.03 -24.48 -26.31
C VAL D 95 -6.24 -23.38 -27.02
N GLY D 96 -5.02 -23.16 -26.55
CA GLY D 96 -4.23 -22.07 -27.08
C GLY D 96 -3.15 -21.68 -26.09
N ILE D 97 -2.55 -20.52 -26.35
CA ILE D 97 -1.37 -20.08 -25.63
C ILE D 97 -1.65 -18.74 -24.95
N TYR D 98 -1.10 -18.59 -23.75
CA TYR D 98 -1.15 -17.35 -22.98
C TYR D 98 0.27 -16.97 -22.61
N THR D 99 0.62 -15.69 -22.78
CA THR D 99 1.91 -15.18 -22.39
C THR D 99 1.70 -14.21 -21.24
N ARG D 100 2.31 -14.50 -20.08
CA ARG D 100 2.05 -13.75 -18.87
C ARG D 100 3.37 -13.42 -18.17
N TYR D 101 3.27 -12.62 -17.10
CA TYR D 101 4.44 -11.99 -16.50
C TYR D 101 4.44 -12.15 -14.99
N ILE D 102 5.63 -12.35 -14.44
CA ILE D 102 5.83 -12.50 -12.99
C ILE D 102 6.60 -11.28 -12.51
N VAL D 103 5.99 -10.52 -11.61
CA VAL D 103 6.50 -9.23 -11.17
C VAL D 103 6.70 -9.28 -9.66
N ALA D 104 7.96 -9.19 -9.23
CA ALA D 104 8.31 -9.24 -7.80
C ALA D 104 8.83 -7.89 -7.35
N THR D 105 8.62 -7.60 -6.07
CA THR D 105 8.97 -6.31 -5.47
C THR D 105 9.85 -6.52 -4.25
N ASP D 106 10.91 -5.71 -4.14
CA ASP D 106 11.84 -5.80 -3.02
C ASP D 106 11.50 -4.70 -2.01
N PRO D 107 12.18 -4.66 -0.85
CA PRO D 107 11.82 -3.66 0.15
C PRO D 107 12.02 -2.22 -0.32
N ALA D 108 12.96 -1.96 -1.21
CA ALA D 108 13.13 -0.62 -1.76
C ALA D 108 12.06 -0.27 -2.79
N ASN D 109 11.11 -1.18 -3.03
CA ASN D 109 10.01 -0.97 -3.96
C ASN D 109 10.45 -1.04 -5.42
N ASN D 110 11.56 -1.73 -5.69
CA ASN D 110 12.01 -1.99 -7.07
C ASN D 110 11.15 -3.15 -7.59
N THR D 111 10.56 -3.04 -8.78
CA THR D 111 9.69 -4.11 -9.31
C THR D 111 10.26 -4.65 -10.63
N THR D 112 10.20 -5.98 -10.85
CA THR D 112 10.67 -6.62 -12.09
C THR D 112 10.00 -5.93 -13.27
N ARG D 113 10.75 -5.51 -14.29
CA ARG D 113 10.18 -4.80 -15.46
C ARG D 113 9.51 -5.84 -16.37
N MET D 114 8.34 -5.52 -16.93
CA MET D 114 7.63 -6.40 -17.90
C MET D 114 8.10 -5.97 -19.29
N ILE D 115 8.83 -6.84 -19.99
CA ILE D 115 9.35 -6.55 -21.35
C ILE D 115 8.69 -7.53 -22.32
N GLN D 116 7.97 -7.05 -23.34
CA GLN D 116 7.26 -7.91 -24.31
C GLN D 116 8.21 -8.36 -25.41
N ASN D 117 9.13 -9.26 -25.07
CA ASN D 117 10.11 -9.79 -26.01
C ASN D 117 10.28 -11.27 -25.73
N PRO D 118 10.24 -12.13 -26.74
CA PRO D 118 10.39 -13.58 -26.47
C PRO D 118 11.73 -13.97 -25.87
N ASN D 119 12.76 -13.11 -25.93
CA ASN D 119 14.01 -13.49 -25.29
C ASN D 119 13.93 -13.42 -23.77
N ARG D 120 12.80 -12.98 -23.22
CA ARG D 120 12.51 -13.05 -21.80
C ARG D 120 11.76 -14.32 -21.41
N ASP D 121 11.38 -15.15 -22.39
CA ASP D 121 10.66 -16.39 -22.10
C ASP D 121 11.47 -17.28 -21.18
N GLY D 122 10.80 -17.83 -20.17
CA GLY D 122 11.47 -18.64 -19.17
C GLY D 122 12.11 -17.85 -18.06
N LEU D 123 12.06 -16.52 -18.13
CA LEU D 123 12.54 -15.66 -17.04
C LEU D 123 11.31 -15.06 -16.37
N GLU D 124 11.16 -13.72 -16.37
CA GLU D 124 9.96 -13.14 -15.78
C GLU D 124 8.74 -13.23 -16.69
N ARG D 125 8.93 -13.58 -17.96
CA ARG D 125 7.86 -13.82 -18.90
C ARG D 125 7.78 -15.32 -19.18
N PHE D 126 6.57 -15.86 -19.19
CA PHE D 126 6.40 -17.28 -19.44
C PHE D 126 5.24 -17.53 -20.40
N VAL D 127 5.36 -18.64 -21.12
CA VAL D 127 4.34 -19.09 -22.07
C VAL D 127 3.61 -20.27 -21.44
N LEU D 128 2.29 -20.15 -21.35
CA LEU D 128 1.43 -21.21 -20.83
C LEU D 128 0.63 -21.78 -22.00
N THR D 129 0.86 -23.05 -22.32
CA THR D 129 0.18 -23.69 -23.43
C THR D 129 -0.92 -24.59 -22.89
N VAL D 130 -2.16 -24.35 -23.33
CA VAL D 130 -3.29 -25.16 -22.94
C VAL D 130 -3.56 -26.13 -24.09
N LYS D 131 -3.44 -27.43 -23.80
CA LYS D 131 -3.69 -28.47 -24.79
C LYS D 131 -4.96 -29.23 -24.45
N SER D 132 -5.51 -29.88 -25.47
CA SER D 132 -6.68 -30.71 -25.25
C SER D 132 -6.32 -31.92 -24.40
N GLN D 133 -7.34 -32.45 -23.73
CA GLN D 133 -7.14 -33.52 -22.77
C GLN D 133 -6.55 -34.77 -23.42
N ASN D 134 -6.86 -35.01 -24.70
CA ASN D 134 -6.35 -36.19 -25.38
C ASN D 134 -4.82 -36.19 -25.46
N GLU D 135 -4.17 -35.02 -25.39
CA GLU D 135 -2.73 -34.96 -25.51
C GLU D 135 -2.00 -35.46 -24.26
N LYS D 136 -2.70 -35.65 -23.15
CA LYS D 136 -2.08 -36.16 -21.94
C LYS D 136 -2.06 -37.68 -21.89
N TYR D 137 -2.81 -38.36 -22.74
CA TYR D 137 -2.98 -39.79 -22.66
C TYR D 137 -2.57 -40.44 -23.97
N ASP D 138 -2.07 -41.68 -23.87
CA ASP D 138 -1.64 -42.46 -25.02
C ASP D 138 -2.27 -43.83 -24.89
N PRO D 139 -3.48 -44.02 -25.43
CA PRO D 139 -4.20 -45.26 -25.17
C PRO D 139 -3.42 -46.49 -25.60
N ALA D 140 -3.55 -47.55 -24.80
CA ALA D 140 -2.95 -48.84 -25.09
C ALA D 140 -3.92 -49.75 -25.83
N ASP D 141 -3.36 -50.62 -26.66
CA ASP D 141 -4.18 -51.57 -27.40
C ASP D 141 -4.87 -52.53 -26.43
N PRO D 142 -6.11 -52.92 -26.68
CA PRO D 142 -6.76 -53.92 -25.85
C PRO D 142 -6.40 -55.34 -26.28
N SER D 143 -6.68 -56.29 -25.39
N SER D 143 -6.67 -56.28 -25.38
CA SER D 143 -6.75 -57.67 -25.79
CA SER D 143 -6.73 -57.68 -25.80
C SER D 143 -7.86 -57.83 -26.82
C SER D 143 -7.84 -57.81 -26.83
N VAL D 144 -7.54 -58.49 -27.93
CA VAL D 144 -8.45 -58.49 -29.07
C VAL D 144 -9.76 -59.19 -28.73
N THR D 145 -10.83 -58.70 -29.34
CA THR D 145 -12.15 -59.29 -29.29
C THR D 145 -12.41 -60.05 -30.58
N TYR D 146 -12.81 -61.30 -30.46
CA TYR D 146 -13.15 -62.08 -31.64
C TYR D 146 -14.55 -61.76 -32.12
N VAL D 147 -14.68 -61.54 -33.43
CA VAL D 147 -15.93 -61.11 -34.03
C VAL D 147 -16.23 -61.99 -35.23
N ASN D 148 -17.52 -62.13 -35.54
CA ASN D 148 -17.90 -62.94 -36.70
C ASN D 148 -17.46 -62.27 -38.00
N ASN D 149 -17.68 -60.97 -38.13
CA ASN D 149 -17.50 -60.27 -39.39
C ASN D 149 -16.82 -58.94 -39.12
N LEU D 150 -15.57 -58.79 -39.61
CA LEU D 150 -14.80 -57.58 -39.37
C LEU D 150 -15.39 -56.34 -40.02
N SER D 151 -16.34 -56.49 -40.94
CA SER D 151 -16.97 -55.34 -41.56
C SER D 151 -18.34 -55.03 -40.98
N ASN D 152 -18.82 -55.83 -40.03
CA ASN D 152 -20.17 -55.67 -39.50
C ASN D 152 -20.25 -56.26 -38.10
N LEU D 153 -19.75 -55.51 -37.11
CA LEU D 153 -19.80 -55.96 -35.73
C LEU D 153 -21.21 -55.89 -35.19
N SER D 154 -21.56 -56.87 -34.36
CA SER D 154 -22.81 -56.83 -33.62
C SER D 154 -22.68 -55.89 -32.43
N THR D 155 -23.82 -55.56 -31.82
CA THR D 155 -23.81 -54.69 -30.65
C THR D 155 -23.00 -55.30 -29.51
N SER D 156 -23.19 -56.58 -29.23
CA SER D 156 -22.47 -57.20 -28.12
C SER D 156 -20.98 -57.26 -28.39
N GLU D 157 -20.59 -57.42 -29.66
CA GLU D 157 -19.16 -57.39 -30.00
C GLU D 157 -18.59 -56.00 -29.77
N ARG D 158 -19.33 -54.95 -30.15
CA ARG D 158 -18.86 -53.60 -29.89
C ARG D 158 -18.77 -53.33 -28.39
N ASP D 159 -19.77 -53.81 -27.62
CA ASP D 159 -19.72 -53.68 -26.17
C ASP D 159 -18.46 -54.33 -25.61
N ALA D 160 -18.13 -55.53 -26.12
CA ALA D 160 -16.98 -56.25 -25.61
C ALA D 160 -15.68 -55.53 -25.92
N VAL D 161 -15.59 -54.93 -27.11
CA VAL D 161 -14.41 -54.14 -27.46
C VAL D 161 -14.26 -52.98 -26.48
N ALA D 162 -15.37 -52.27 -26.21
CA ALA D 162 -15.28 -51.09 -25.34
C ALA D 162 -14.80 -51.49 -23.96
N ALA D 163 -15.29 -52.62 -23.45
CA ALA D 163 -14.85 -53.10 -22.14
C ALA D 163 -13.37 -53.46 -22.18
N ALA D 164 -12.92 -54.13 -23.24
CA ALA D 164 -11.51 -54.49 -23.35
C ALA D 164 -10.61 -53.26 -23.39
N VAL D 165 -11.07 -52.19 -24.03
CA VAL D 165 -10.27 -50.97 -24.10
C VAL D 165 -10.13 -50.35 -22.71
N ARG D 166 -11.21 -50.30 -21.95
N ARG D 166 -11.22 -50.30 -21.94
CA ARG D 166 -11.13 -49.75 -20.60
CA ARG D 166 -11.12 -49.75 -20.60
C ARG D 166 -10.23 -50.61 -19.72
C ARG D 166 -10.21 -50.62 -19.73
N ALA D 167 -10.36 -51.94 -19.83
CA ALA D 167 -9.53 -52.84 -19.03
C ALA D 167 -8.05 -52.62 -19.30
N ALA D 168 -7.69 -52.30 -20.54
CA ALA D 168 -6.31 -52.09 -20.95
C ALA D 168 -5.84 -50.67 -20.69
N ASN D 169 -6.73 -49.78 -20.26
CA ASN D 169 -6.41 -48.35 -20.12
C ASN D 169 -6.96 -47.81 -18.82
N PRO D 170 -6.50 -48.34 -17.68
CA PRO D 170 -7.03 -47.87 -16.39
C PRO D 170 -6.71 -46.41 -16.09
N SER D 171 -5.74 -45.82 -16.78
CA SER D 171 -5.36 -44.43 -16.53
C SER D 171 -6.24 -43.42 -17.24
N LEU D 172 -7.09 -43.86 -18.17
CA LEU D 172 -7.96 -42.93 -18.87
C LEU D 172 -8.92 -42.26 -17.89
N PRO D 173 -9.27 -40.99 -18.10
CA PRO D 173 -10.26 -40.35 -17.24
C PRO D 173 -11.50 -41.21 -17.12
N SER D 174 -12.05 -41.29 -15.91
CA SER D 174 -13.18 -42.17 -15.66
C SER D 174 -14.39 -41.78 -16.50
N ALA D 175 -14.56 -40.49 -16.77
CA ALA D 175 -15.71 -40.02 -17.54
C ALA D 175 -15.48 -40.07 -19.04
N ALA D 176 -14.32 -40.52 -19.51
CA ALA D 176 -14.12 -40.68 -20.93
C ALA D 176 -15.08 -41.72 -21.47
N LYS D 177 -15.56 -41.51 -22.69
CA LYS D 177 -16.52 -42.41 -23.32
C LYS D 177 -15.82 -43.17 -24.45
N ILE D 178 -15.97 -44.50 -24.42
CA ILE D 178 -15.35 -45.38 -25.41
C ILE D 178 -16.46 -45.90 -26.30
N THR D 179 -16.38 -45.61 -27.59
CA THR D 179 -17.33 -46.09 -28.56
C THR D 179 -16.60 -46.87 -29.64
N VAL D 180 -17.32 -47.83 -30.24
CA VAL D 180 -16.78 -48.74 -31.22
C VAL D 180 -17.68 -48.72 -32.45
N SER D 181 -17.08 -48.60 -33.63
CA SER D 181 -17.82 -48.49 -34.87
C SER D 181 -18.16 -49.86 -35.41
N GLN D 182 -18.87 -49.85 -36.56
CA GLN D 182 -19.30 -51.08 -37.22
C GLN D 182 -18.13 -51.96 -37.64
N ASN D 183 -16.94 -51.41 -37.86
CA ASN D 183 -15.78 -52.21 -38.24
C ASN D 183 -14.78 -52.35 -37.10
N GLY D 184 -15.16 -52.00 -35.87
CA GLY D 184 -14.31 -52.18 -34.73
C GLY D 184 -13.37 -51.03 -34.43
N THR D 185 -13.45 -49.93 -35.17
CA THR D 185 -12.62 -48.78 -34.87
C THR D 185 -13.05 -48.17 -33.55
N VAL D 186 -12.08 -47.89 -32.67
CA VAL D 186 -12.36 -47.39 -31.33
C VAL D 186 -12.14 -45.88 -31.31
N THR D 187 -13.11 -45.16 -30.78
CA THR D 187 -12.97 -43.74 -30.48
C THR D 187 -13.05 -43.55 -28.98
N ILE D 188 -12.04 -42.89 -28.42
CA ILE D 188 -12.04 -42.50 -27.02
C ILE D 188 -12.36 -41.00 -27.01
N THR D 189 -13.49 -40.64 -26.42
CA THR D 189 -13.89 -39.23 -26.30
C THR D 189 -13.65 -38.81 -24.86
N TYR D 190 -12.70 -37.90 -24.67
CA TYR D 190 -12.35 -37.45 -23.35
C TYR D 190 -13.40 -36.46 -22.84
N PRO D 191 -13.40 -36.22 -21.52
CA PRO D 191 -14.40 -35.29 -20.96
C PRO D 191 -14.41 -33.91 -21.61
N ASP D 192 -13.30 -33.46 -22.18
CA ASP D 192 -13.27 -32.17 -22.87
C ASP D 192 -13.67 -32.28 -24.34
N ARG D 193 -14.15 -33.44 -24.77
CA ARG D 193 -14.67 -33.73 -26.11
C ARG D 193 -13.57 -33.90 -27.16
N SER D 194 -12.29 -33.81 -26.80
CA SER D 194 -11.26 -34.23 -27.73
C SER D 194 -11.27 -35.77 -27.82
N THR D 195 -10.58 -36.30 -28.83
CA THR D 195 -10.64 -37.73 -29.08
C THR D 195 -9.28 -38.33 -29.39
N ASP D 196 -9.17 -39.63 -29.14
CA ASP D 196 -8.12 -40.49 -29.66
C ASP D 196 -8.81 -41.67 -30.35
N THR D 197 -8.09 -42.34 -31.25
CA THR D 197 -8.63 -43.50 -31.96
C THR D 197 -7.66 -44.66 -31.85
N ILE D 198 -8.20 -45.87 -31.86
CA ILE D 198 -7.42 -47.10 -31.95
C ILE D 198 -7.88 -47.83 -33.22
N PRO D 199 -6.98 -48.16 -34.15
CA PRO D 199 -7.42 -48.81 -35.39
C PRO D 199 -7.97 -50.21 -35.14
N ALA D 200 -8.94 -50.58 -35.98
CA ALA D 200 -9.62 -51.86 -35.81
C ALA D 200 -8.66 -53.04 -35.83
N ASN D 201 -7.61 -52.96 -36.64
CA ASN D 201 -6.74 -54.12 -36.81
C ASN D 201 -5.92 -54.45 -35.57
N ARG D 202 -6.00 -53.62 -34.52
CA ARG D 202 -5.38 -53.96 -33.24
C ARG D 202 -6.39 -54.32 -32.18
N VAL D 203 -7.69 -54.36 -32.50
N VAL D 203 -7.68 -54.36 -32.54
CA VAL D 203 -8.69 -54.53 -31.46
CA VAL D 203 -8.78 -54.37 -31.58
C VAL D 203 -9.65 -55.69 -31.75
C VAL D 203 -9.67 -55.60 -31.78
N VAL D 204 -9.88 -55.97 -33.03
CA VAL D 204 -10.78 -57.12 -33.36
C VAL D 204 -10.06 -58.11 -34.27
N LYS D 205 -10.48 -59.37 -34.21
CA LYS D 205 -9.93 -60.46 -35.05
C LYS D 205 -11.14 -61.24 -35.58
N ASP D 206 -11.20 -61.51 -36.88
CA ASP D 206 -12.33 -62.22 -37.53
C ASP D 206 -12.22 -63.69 -37.11
N LEU D 207 -13.33 -64.33 -36.73
CA LEU D 207 -13.34 -65.78 -36.36
C LEU D 207 -13.18 -66.62 -37.63
N GLN D 208 -13.61 -66.09 -38.78
CA GLN D 208 -13.53 -66.77 -40.09
C GLN D 208 -12.19 -66.47 -40.78
N ILE D 209 -11.33 -65.63 -40.20
CA ILE D 209 -10.03 -65.33 -40.80
C ILE D 209 -10.22 -64.96 -42.27
#